data_1JY6
#
_entry.id   1JY6
#
_cell.length_a   ?
_cell.length_b   ?
_cell.length_c   ?
_cell.angle_alpha   ?
_cell.angle_beta   ?
_cell.angle_gamma   ?
#
_entity_poly.entity_id   1
_entity_poly.type   'polypeptide(L)'
_entity_poly.pdbx_seq_one_letter_code
;RGECKFTV(DPR)GRTALNT(DPR)AVQKWHFVL(DPR)GYKCEILA
;
_entity_poly.pdbx_strand_id   A,B
#
# COMPACT_ATOMS: atom_id res chain seq x y z
N THR A 12 13.98 -8.89 -2.16
CA THR A 12 12.81 -8.71 -3.01
C THR A 12 11.84 -9.88 -2.86
N ALA A 13 11.28 -9.99 -1.66
CA ALA A 13 10.34 -11.06 -1.37
C ALA A 13 9.61 -10.75 -0.06
N LEU A 14 8.67 -11.63 0.28
CA LEU A 14 7.91 -11.47 1.50
C LEU A 14 8.78 -11.79 2.71
N ASN A 15 8.52 -11.09 3.80
CA ASN A 15 9.28 -11.30 5.02
C ASN A 15 9.32 -12.79 5.34
N THR A 16 10.38 -13.44 4.87
CA THR A 16 10.55 -14.87 5.11
C THR A 16 11.79 -15.12 5.97
N DPR A 17 11.55 -15.37 7.28
CA DPR A 17 12.63 -15.62 8.21
CB DPR A 17 11.97 -16.27 9.41
CG DPR A 17 10.49 -15.92 9.31
CD DPR A 17 10.23 -15.40 7.91
C DPR A 17 13.37 -14.34 8.56
O DPR A 17 13.06 -13.68 9.55
HA DPR A 17 13.31 -16.23 7.79
HB2 DPR A 17 12.40 -15.89 10.35
HB3 DPR A 17 12.12 -17.35 9.41
HG2 DPR A 17 10.22 -15.17 10.06
HG3 DPR A 17 9.88 -16.80 9.52
HD2 DPR A 17 9.77 -14.41 7.94
HD3 DPR A 17 9.54 -16.05 7.37
N ALA A 18 14.35 -14.01 7.71
CA ALA A 18 15.14 -12.80 7.91
C ALA A 18 14.22 -11.58 7.86
N VAL A 19 14.59 -10.65 6.99
CA VAL A 19 13.81 -9.43 6.83
C VAL A 19 13.52 -9.21 5.34
N GLN A 20 12.25 -9.34 5.00
CA GLN A 20 11.83 -9.16 3.63
C GLN A 20 10.51 -8.38 3.57
N LYS A 21 10.04 -8.15 2.35
CA LYS A 21 8.80 -7.42 2.15
C LYS A 21 8.17 -7.86 0.83
N TRP A 22 6.90 -8.25 0.92
CA TRP A 22 6.16 -8.70 -0.25
C TRP A 22 5.75 -7.46 -1.04
N HIS A 23 6.00 -7.50 -2.33
CA HIS A 23 5.66 -6.39 -3.21
C HIS A 23 4.61 -6.85 -4.23
N PHE A 24 3.47 -6.19 -4.20
CA PHE A 24 2.38 -6.52 -5.11
C PHE A 24 1.70 -5.26 -5.62
N VAL A 25 1.67 -5.12 -6.95
CA VAL A 25 1.04 -3.97 -7.56
C VAL A 25 0.34 -4.41 -8.85
N LEU A 26 -0.98 -4.27 -8.84
CA LEU A 26 -1.78 -4.65 -9.99
C LEU A 26 -2.96 -3.67 -10.13
N DPR A 27 -3.29 -3.35 -11.41
CA DPR A 27 -4.38 -2.45 -11.69
CB DPR A 27 -4.72 -2.67 -13.16
CG DPR A 27 -3.50 -3.36 -13.76
CD DPR A 27 -2.63 -3.85 -12.62
C DPR A 27 -3.98 -1.00 -11.40
O DPR A 27 -3.15 -0.42 -12.10
HA DPR A 27 -5.15 -2.64 -11.10
HB2 DPR A 27 -4.91 -1.73 -13.66
HB3 DPR A 27 -5.61 -3.29 -13.26
HG2 DPR A 27 -2.95 -2.68 -14.40
HG3 DPR A 27 -3.81 -4.21 -14.38
HD2 DPR A 27 -1.62 -3.46 -12.70
HD3 DPR A 27 -2.55 -4.94 -12.61
N GLY A 28 -4.58 -0.46 -10.35
CA GLY A 28 -4.29 0.91 -9.95
C GLY A 28 -4.12 1.01 -8.44
N TYR A 29 -3.79 -0.13 -7.83
CA TYR A 29 -3.59 -0.18 -6.39
C TYR A 29 -2.15 -0.59 -6.06
N LYS A 30 -1.56 0.14 -5.12
CA LYS A 30 -0.20 -0.14 -4.70
C LYS A 30 -0.18 -0.44 -3.20
N CYS A 31 -0.08 -1.73 -2.89
CA CYS A 31 -0.06 -2.16 -1.50
C CYS A 31 1.22 -2.97 -1.27
N GLU A 32 1.87 -2.69 -0.15
CA GLU A 32 3.10 -3.40 0.20
C GLU A 32 3.13 -3.68 1.70
N ILE A 33 3.54 -4.91 2.02
CA ILE A 33 3.64 -5.32 3.41
C ILE A 33 5.07 -5.15 3.89
N LEU A 34 5.21 -4.99 5.20
CA LEU A 34 6.52 -4.83 5.81
C LEU A 34 6.56 -5.56 7.15
N ALA A 35 7.62 -6.33 7.34
CA ALA A 35 7.79 -7.09 8.56
C ALA A 35 9.00 -6.55 9.33
N THR B 12 -5.96 11.38 7.49
CA THR B 12 -6.87 12.28 6.82
C THR B 12 -6.93 11.95 5.32
N ALA B 13 -8.12 12.11 4.77
CA ALA B 13 -8.33 11.83 3.36
C ALA B 13 -8.72 13.12 2.64
N LEU B 14 -8.14 13.31 1.46
CA LEU B 14 -8.41 14.49 0.67
C LEU B 14 -9.05 14.07 -0.66
N ASN B 15 -10.28 14.54 -0.87
CA ASN B 15 -11.00 14.23 -2.09
C ASN B 15 -11.21 15.50 -2.89
N THR B 16 -10.26 15.75 -3.80
CA THR B 16 -10.33 16.93 -4.64
C THR B 16 -10.50 16.52 -6.11
N DPR B 17 -11.64 16.99 -6.69
CA DPR B 17 -11.94 16.69 -8.09
CB DPR B 17 -13.00 17.70 -8.49
CG DPR B 17 -13.58 18.23 -7.20
CD DPR B 17 -12.66 17.82 -6.06
C DPR B 17 -12.41 15.23 -8.24
O DPR B 17 -13.31 14.80 -7.53
HA DPR B 17 -11.11 16.77 -8.65
HB2 DPR B 17 -13.76 17.23 -9.11
HB3 DPR B 17 -12.56 18.50 -9.08
HG2 DPR B 17 -14.59 17.83 -7.04
HG3 DPR B 17 -13.68 19.32 -7.23
HD2 DPR B 17 -13.21 17.25 -5.30
HD3 DPR B 17 -12.22 18.68 -5.57
N ALA B 18 -11.78 14.54 -9.17
CA ALA B 18 -12.11 13.15 -9.44
C ALA B 18 -10.91 12.27 -9.09
N VAL B 19 -10.09 12.78 -8.19
CA VAL B 19 -8.91 12.04 -7.77
C VAL B 19 -9.02 11.71 -6.28
N GLN B 20 -8.31 10.67 -5.87
CA GLN B 20 -8.33 10.24 -4.49
C GLN B 20 -6.90 10.19 -3.93
N LYS B 21 -6.70 10.91 -2.83
CA LYS B 21 -5.40 10.95 -2.20
C LYS B 21 -5.56 10.65 -0.70
N TRP B 22 -5.77 9.37 -0.41
CA TRP B 22 -5.94 8.94 0.96
C TRP B 22 -4.90 7.85 1.25
N HIS B 23 -4.50 7.79 2.51
CA HIS B 23 -3.51 6.80 2.93
C HIS B 23 -4.06 5.97 4.09
N PHE B 24 -4.02 4.67 3.92
CA PHE B 24 -4.51 3.76 4.94
C PHE B 24 -3.36 2.99 5.59
N VAL B 25 -3.05 3.37 6.82
CA VAL B 25 -1.97 2.73 7.56
C VAL B 25 -2.48 2.33 8.95
N LEU B 26 -2.81 1.06 9.07
CA LEU B 26 -3.31 0.54 10.34
C LEU B 26 -2.89 -0.93 10.49
N DPR B 27 -2.80 -1.37 11.77
CA DPR B 27 -2.41 -2.74 12.06
CB DPR B 27 -2.84 -2.98 13.49
CG DPR B 27 -3.04 -1.59 14.10
CD DPR B 27 -3.07 -0.58 12.96
C DPR B 27 -0.90 -2.93 11.84
O DPR B 27 -0.18 -3.28 12.78
HA DPR B 27 -2.86 -3.37 11.42
HB2 DPR B 27 -2.09 -3.55 14.04
HB3 DPR B 27 -3.76 -3.55 13.53
HG2 DPR B 27 -2.23 -1.37 14.80
HG3 DPR B 27 -3.96 -1.56 14.67
HD2 DPR B 27 -2.32 0.20 13.11
HD3 DPR B 27 -4.03 -0.09 12.90
N GLY B 28 -0.48 -2.70 10.62
CA GLY B 28 0.92 -2.85 10.27
C GLY B 28 1.14 -2.68 8.76
N TYR B 29 0.18 -3.16 8.00
CA TYR B 29 0.25 -3.07 6.55
C TYR B 29 -0.20 -1.69 6.07
N LYS B 30 0.52 -1.19 5.07
CA LYS B 30 0.21 0.11 4.51
C LYS B 30 -0.41 -0.07 3.13
N CYS B 31 -1.57 0.55 2.94
CA CYS B 31 -2.27 0.48 1.67
C CYS B 31 -2.69 1.89 1.26
N GLU B 32 -2.14 2.33 0.13
CA GLU B 32 -2.44 3.65 -0.39
C GLU B 32 -2.81 3.57 -1.87
N ILE B 33 -3.94 4.18 -2.19
CA ILE B 33 -4.41 4.18 -3.57
C ILE B 33 -4.54 5.63 -4.06
N LEU B 34 -3.76 5.95 -5.07
CA LEU B 34 -3.77 7.28 -5.64
C LEU B 34 -4.22 7.21 -7.10
N ALA B 35 -5.47 6.84 -7.29
CA ALA B 35 -6.02 6.71 -8.63
C ALA B 35 -7.36 7.46 -8.69
N THR A 12 12.88 -6.07 -4.39
CA THR A 12 12.66 -7.11 -3.40
C THR A 12 11.26 -7.70 -3.56
N ALA A 13 11.22 -9.01 -3.77
CA ALA A 13 9.96 -9.71 -3.94
C ALA A 13 9.99 -11.02 -3.14
N LEU A 14 10.05 -10.87 -1.83
CA LEU A 14 10.09 -12.03 -0.95
C LEU A 14 9.64 -11.62 0.45
N ASN A 15 8.58 -12.25 0.91
CA ASN A 15 8.05 -11.97 2.23
C ASN A 15 7.82 -13.28 2.99
N THR A 16 8.91 -13.97 3.24
CA THR A 16 8.86 -15.24 3.95
C THR A 16 9.28 -15.05 5.40
N DPR A 17 8.63 -15.85 6.29
CA DPR A 17 8.93 -15.78 7.72
CB DPR A 17 8.36 -17.06 8.31
CG DPR A 17 7.37 -17.57 7.29
CD DPR A 17 7.59 -16.82 5.99
C DPR A 17 8.34 -14.52 8.34
O DPR A 17 7.13 -14.44 8.57
HA DPR A 17 9.92 -15.71 7.87
HB2 DPR A 17 7.88 -16.87 9.27
HB3 DPR A 17 9.15 -17.79 8.49
HG2 DPR A 17 6.34 -17.42 7.64
HG3 DPR A 17 7.48 -18.64 7.13
HD2 DPR A 17 6.67 -16.33 5.64
HD3 DPR A 17 7.91 -17.50 5.19
N ALA A 18 9.21 -13.55 8.61
CA ALA A 18 8.79 -12.30 9.21
C ALA A 18 9.66 -11.16 8.66
N VAL A 19 10.96 -11.39 8.71
CA VAL A 19 11.91 -10.39 8.23
C VAL A 19 12.00 -10.48 6.70
N GLN A 20 10.86 -10.34 6.06
CA GLN A 20 10.80 -10.40 4.61
C GLN A 20 9.63 -9.58 4.08
N LYS A 21 9.95 -8.67 3.17
CA LYS A 21 8.93 -7.81 2.59
C LYS A 21 8.85 -8.08 1.08
N TRP A 22 7.64 -7.98 0.55
CA TRP A 22 7.42 -8.20 -0.87
C TRP A 22 6.48 -7.11 -1.37
N HIS A 23 6.45 -6.96 -2.69
CA HIS A 23 5.61 -5.95 -3.31
C HIS A 23 4.41 -6.64 -3.97
N PHE A 24 3.23 -6.09 -3.70
CA PHE A 24 2.00 -6.63 -4.26
C PHE A 24 1.11 -5.52 -4.82
N VAL A 25 1.27 -5.26 -6.10
CA VAL A 25 0.50 -4.23 -6.76
C VAL A 25 -0.50 -4.89 -7.73
N LEU A 26 -1.76 -4.87 -7.33
CA LEU A 26 -2.81 -5.46 -8.14
C LEU A 26 -3.63 -4.34 -8.79
N DPR A 27 -3.84 -4.49 -10.13
CA DPR A 27 -4.60 -3.50 -10.87
CB DPR A 27 -5.00 -4.20 -12.16
CG DPR A 27 -4.05 -5.39 -12.30
CD DPR A 27 -3.36 -5.59 -10.95
C DPR A 27 -3.78 -2.24 -11.11
O DPR A 27 -2.94 -2.20 -12.00
HA DPR A 27 -5.41 -3.21 -10.34
HB2 DPR A 27 -4.91 -3.53 -13.01
HB3 DPR A 27 -6.04 -4.53 -12.13
HG2 DPR A 27 -3.32 -5.20 -13.08
HG3 DPR A 27 -4.61 -6.28 -12.58
HD2 DPR A 27 -2.28 -5.56 -11.06
HD3 DPR A 27 -3.62 -6.55 -10.52
N GLY A 28 -4.06 -1.23 -10.29
CA GLY A 28 -3.36 0.04 -10.40
C GLY A 28 -3.18 0.69 -9.02
N TYR A 29 -3.00 -0.16 -8.03
CA TYR A 29 -2.83 0.31 -6.66
C TYR A 29 -1.49 -0.13 -6.09
N LYS A 30 -1.02 0.60 -5.09
CA LYS A 30 0.25 0.29 -4.45
C LYS A 30 -0.01 -0.19 -3.03
N CYS A 31 0.06 -1.50 -2.86
CA CYS A 31 -0.17 -2.10 -1.56
C CYS A 31 1.10 -2.85 -1.15
N GLU A 32 1.88 -2.21 -0.31
CA GLU A 32 3.13 -2.80 0.16
C GLU A 32 3.01 -3.17 1.64
N ILE A 33 3.14 -4.46 1.92
CA ILE A 33 3.05 -4.95 3.28
C ILE A 33 4.45 -5.24 3.80
N LEU A 34 4.67 -4.90 5.07
CA LEU A 34 5.96 -5.11 5.70
C LEU A 34 5.73 -5.68 7.11
N ALA A 35 6.79 -6.31 7.62
CA ALA A 35 6.73 -6.90 8.95
C ALA A 35 7.61 -6.10 9.90
N THR B 12 -4.88 11.12 5.42
CA THR B 12 -5.34 12.46 5.10
C THR B 12 -5.73 12.56 3.64
N ALA B 13 -6.96 12.99 3.41
CA ALA B 13 -7.47 13.14 2.05
C ALA B 13 -7.76 14.62 1.77
N LEU B 14 -6.74 15.31 1.31
CA LEU B 14 -6.87 16.73 1.00
C LEU B 14 -6.71 16.94 -0.50
N ASN B 15 -7.38 17.95 -1.01
CA ASN B 15 -7.32 18.27 -2.42
C ASN B 15 -6.89 19.72 -2.59
N THR B 16 -5.62 19.89 -2.93
CA THR B 16 -5.06 21.22 -3.13
C THR B 16 -4.42 21.33 -4.52
N DPR B 17 -5.29 21.53 -5.54
CA DPR B 17 -4.81 21.64 -6.92
CB DPR B 17 -5.97 22.27 -7.67
CG DPR B 17 -7.20 22.06 -6.82
CD DPR B 17 -6.74 21.64 -5.43
C DPR B 17 -4.41 20.28 -7.47
O DPR B 17 -5.01 19.79 -8.43
HA DPR B 17 -3.99 22.22 -6.94
HB2 DPR B 17 -6.09 21.81 -8.65
HB3 DPR B 17 -5.79 23.34 -7.84
HG2 DPR B 17 -7.84 21.30 -7.25
HG3 DPR B 17 -7.79 22.97 -6.76
HD2 DPR B 17 -7.19 20.68 -5.14
HD3 DPR B 17 -7.02 22.37 -4.68
N ALA B 18 -3.38 19.71 -6.85
CA ALA B 18 -2.87 18.41 -7.28
C ALA B 18 -3.99 17.37 -7.14
N VAL B 19 -3.57 16.14 -6.87
CA VAL B 19 -4.52 15.06 -6.71
C VAL B 19 -4.71 14.77 -5.22
N GLN B 20 -5.80 14.08 -4.91
CA GLN B 20 -6.12 13.73 -3.53
C GLN B 20 -5.96 12.23 -3.31
N LYS B 21 -4.97 11.88 -2.52
CA LYS B 21 -4.70 10.49 -2.22
C LYS B 21 -4.82 10.26 -0.71
N TRP B 22 -5.52 9.19 -0.35
CA TRP B 22 -5.72 8.86 1.05
C TRP B 22 -4.96 7.57 1.33
N HIS B 23 -4.24 7.57 2.45
CA HIS B 23 -3.47 6.41 2.85
C HIS B 23 -4.03 5.85 4.16
N PHE B 24 -4.20 4.53 4.18
CA PHE B 24 -4.72 3.85 5.35
C PHE B 24 -3.78 2.73 5.80
N VAL B 25 -2.98 3.05 6.80
CA VAL B 25 -2.03 2.09 7.34
C VAL B 25 -2.57 1.52 8.66
N LEU B 26 -3.22 0.37 8.55
CA LEU B 26 -3.78 -0.26 9.73
C LEU B 26 -2.91 -1.47 10.12
N DPR B 27 -2.39 -1.42 11.37
CA DPR B 27 -1.54 -2.49 11.87
CB DPR B 27 -1.53 -2.30 13.38
CG DPR B 27 -1.98 -0.87 13.63
CD DPR B 27 -2.58 -0.34 12.34
C DPR B 27 -0.14 -2.42 11.25
O DPR B 27 0.70 -1.66 11.70
HA DPR B 27 -1.92 -3.38 11.60
HB2 DPR B 27 -0.53 -2.47 13.78
HB3 DPR B 27 -2.19 -3.01 13.86
HG2 DPR B 27 -1.14 -0.26 13.94
HG3 DPR B 27 -2.71 -0.84 14.43
HD2 DPR B 27 -2.09 0.58 12.02
HD3 DPR B 27 -3.64 -0.11 12.46
N GLY B 28 0.04 -3.24 10.22
CA GLY B 28 1.32 -3.27 9.52
C GLY B 28 1.13 -3.42 8.01
N TYR B 29 0.06 -2.80 7.52
CA TYR B 29 -0.25 -2.86 6.11
C TYR B 29 -0.25 -1.45 5.49
N LYS B 30 0.63 -1.27 4.53
CA LYS B 30 0.74 0.01 3.84
C LYS B 30 0.05 -0.07 2.48
N CYS B 31 -1.19 0.40 2.45
CA CYS B 31 -1.96 0.37 1.22
C CYS B 31 -2.30 1.81 0.84
N GLU B 32 -1.66 2.28 -0.23
CA GLU B 32 -1.89 3.63 -0.71
C GLU B 32 -2.46 3.61 -2.12
N ILE B 33 -3.48 4.42 -2.32
CA ILE B 33 -4.12 4.51 -3.63
C ILE B 33 -4.09 5.96 -4.11
N LEU B 34 -3.68 6.12 -5.37
CA LEU B 34 -3.60 7.44 -5.97
C LEU B 34 -4.76 7.63 -6.94
N ALA B 35 -5.36 8.81 -6.86
CA ALA B 35 -6.48 9.13 -7.73
C ALA B 35 -6.13 10.34 -8.59
N THR A 12 10.48 -11.84 -7.07
CA THR A 12 9.18 -11.87 -6.41
C THR A 12 9.35 -12.02 -4.90
N ALA A 13 10.02 -11.04 -4.32
CA ALA A 13 10.26 -11.06 -2.88
C ALA A 13 10.92 -9.73 -2.46
N LEU A 14 10.59 -9.30 -1.26
CA LEU A 14 11.13 -8.06 -0.73
C LEU A 14 11.83 -8.34 0.61
N ASN A 15 12.99 -8.97 0.51
CA ASN A 15 13.76 -9.30 1.69
C ASN A 15 15.23 -9.00 1.44
N THR A 16 15.63 -7.79 1.81
CA THR A 16 17.00 -7.36 1.63
C THR A 16 17.53 -6.70 2.90
N DPR A 17 18.12 -7.54 3.80
CA DPR A 17 18.66 -7.05 5.05
CB DPR A 17 19.58 -8.14 5.54
CG DPR A 17 19.17 -9.40 4.79
CD DPR A 17 18.28 -8.98 3.63
C DPR A 17 17.54 -6.71 6.04
O DPR A 17 17.45 -7.31 7.11
HA DPR A 17 19.15 -6.18 4.90
HB2 DPR A 17 19.49 -8.29 6.62
HB3 DPR A 17 20.62 -7.89 5.34
HG2 DPR A 17 18.64 -10.08 5.45
HG3 DPR A 17 20.05 -9.92 4.41
HD2 DPR A 17 17.32 -9.49 3.67
HD3 DPR A 17 18.73 -9.22 2.67
N ALA A 18 16.70 -5.76 5.65
CA ALA A 18 15.60 -5.34 6.49
C ALA A 18 14.70 -6.56 6.78
N VAL A 19 13.47 -6.26 7.14
CA VAL A 19 12.50 -7.31 7.43
C VAL A 19 12.06 -7.98 6.14
N GLN A 20 11.23 -9.00 6.29
CA GLN A 20 10.73 -9.73 5.14
C GLN A 20 9.33 -9.23 4.76
N LYS A 21 9.25 -8.57 3.62
CA LYS A 21 8.00 -8.04 3.13
C LYS A 21 7.80 -8.45 1.66
N TRP A 22 6.54 -8.53 1.27
CA TRP A 22 6.21 -8.90 -0.10
C TRP A 22 5.80 -7.63 -0.85
N HIS A 23 5.79 -7.74 -2.17
CA HIS A 23 5.42 -6.60 -3.00
C HIS A 23 4.27 -7.01 -3.93
N PHE A 24 3.12 -6.40 -3.69
CA PHE A 24 1.94 -6.69 -4.48
C PHE A 24 1.41 -5.41 -5.15
N VAL A 25 1.74 -5.28 -6.43
CA VAL A 25 1.30 -4.12 -7.19
C VAL A 25 0.44 -4.59 -8.38
N LEU A 26 -0.74 -4.01 -8.47
CA LEU A 26 -1.66 -4.35 -9.54
C LEU A 26 -1.94 -3.11 -10.39
N DPR A 27 -1.03 -2.86 -11.36
CA DPR A 27 -1.17 -1.72 -12.25
CB DPR A 27 -0.27 -2.02 -13.43
CG DPR A 27 0.69 -3.11 -12.97
CD DPR A 27 0.15 -3.67 -11.67
C DPR A 27 -0.79 -0.42 -11.52
O DPR A 27 0.39 -0.13 -11.35
HA DPR A 27 -2.13 -1.60 -12.52
HB2 DPR A 27 0.26 -1.13 -13.76
HB3 DPR A 27 -0.86 -2.37 -14.29
HG2 DPR A 27 1.69 -2.69 -12.82
HG3 DPR A 27 0.78 -3.89 -13.72
HD2 DPR A 27 0.88 -3.60 -10.87
HD3 DPR A 27 -0.11 -4.73 -11.77
N GLY A 28 -1.81 0.32 -11.13
CA GLY A 28 -1.59 1.57 -10.43
C GLY A 28 -1.68 1.38 -8.91
N TYR A 29 -2.63 0.55 -8.51
CA TYR A 29 -2.81 0.28 -7.09
C TYR A 29 -1.51 -0.19 -6.45
N LYS A 30 -1.15 0.47 -5.36
CA LYS A 30 0.07 0.13 -4.64
C LYS A 30 -0.30 -0.35 -3.23
N CYS A 31 -0.11 -1.64 -3.02
CA CYS A 31 -0.41 -2.24 -1.73
C CYS A 31 0.78 -3.08 -1.29
N GLU A 32 1.48 -2.57 -0.28
CA GLU A 32 2.65 -3.26 0.24
C GLU A 32 2.40 -3.73 1.68
N ILE A 33 2.81 -4.96 1.94
CA ILE A 33 2.63 -5.53 3.27
C ILE A 33 4.01 -5.75 3.92
N LEU A 34 4.30 -4.90 4.90
CA LEU A 34 5.57 -4.99 5.60
C LEU A 34 5.39 -5.79 6.88
N ALA A 35 6.39 -6.60 7.19
CA ALA A 35 6.35 -7.43 8.38
C ALA A 35 7.61 -7.16 9.22
N THR B 12 -6.73 9.60 8.94
CA THR B 12 -7.27 10.84 8.41
C THR B 12 -7.24 10.84 6.88
N ALA B 13 -8.42 10.71 6.30
CA ALA B 13 -8.53 10.69 4.85
C ALA B 13 -9.27 11.93 4.37
N LEU B 14 -8.85 12.44 3.23
CA LEU B 14 -9.47 13.63 2.66
C LEU B 14 -10.03 13.30 1.28
N ASN B 15 -11.34 13.48 1.15
CA ASN B 15 -12.01 13.22 -0.10
C ASN B 15 -12.68 14.49 -0.62
N THR B 16 -11.94 15.20 -1.46
CA THR B 16 -12.43 16.44 -2.04
C THR B 16 -12.34 16.41 -3.56
N DPR B 17 -13.44 16.86 -4.22
CA DPR B 17 -13.49 16.89 -5.67
CB DPR B 17 -14.64 17.83 -6.00
CG DPR B 17 -15.47 17.93 -4.74
CD DPR B 17 -14.67 17.37 -3.59
C DPR B 17 -13.69 15.48 -6.23
O DPR B 17 -14.09 14.56 -5.51
HA DPR B 17 -12.62 17.21 -6.03
HB2 DPR B 17 -15.22 17.44 -6.83
HB3 DPR B 17 -14.26 18.80 -6.30
HG2 DPR B 17 -16.41 17.39 -4.86
HG3 DPR B 17 -15.74 18.97 -4.54
HD2 DPR B 17 -15.21 16.57 -3.09
HD3 DPR B 17 -14.44 18.12 -2.84
N ALA B 18 -13.41 15.35 -7.52
CA ALA B 18 -13.56 14.06 -8.18
C ALA B 18 -12.54 13.07 -7.61
N VAL B 19 -11.29 13.27 -8.00
CA VAL B 19 -10.22 12.40 -7.53
C VAL B 19 -9.92 12.72 -6.06
N GLN B 20 -9.79 11.66 -5.28
CA GLN B 20 -9.50 11.80 -3.87
C GLN B 20 -8.25 11.01 -3.49
N LYS B 21 -7.65 11.40 -2.38
CA LYS B 21 -6.44 10.75 -1.90
C LYS B 21 -6.66 10.29 -0.46
N TRP B 22 -6.64 8.97 -0.27
CA TRP B 22 -6.82 8.40 1.05
C TRP B 22 -5.54 7.66 1.42
N HIS B 23 -5.26 7.66 2.71
CA HIS B 23 -4.07 6.98 3.22
C HIS B 23 -4.45 6.07 4.39
N PHE B 24 -4.49 4.77 4.08
CA PHE B 24 -4.85 3.79 5.09
C PHE B 24 -3.62 2.94 5.48
N VAL B 25 -3.22 3.09 6.73
CA VAL B 25 -2.08 2.35 7.24
C VAL B 25 -2.43 1.73 8.58
N LEU B 26 -1.94 0.51 8.79
CA LEU B 26 -2.21 -0.20 10.03
C LEU B 26 -0.88 -0.69 10.61
N DPR B 27 0.00 0.30 10.94
CA DPR B 27 1.30 -0.03 11.51
CB DPR B 27 1.79 1.28 12.13
CG DPR B 27 0.96 2.38 11.49
CD DPR B 27 -0.22 1.73 10.78
C DPR B 27 2.24 -0.57 10.44
O DPR B 27 2.85 0.20 9.69
HA DPR B 27 1.22 -0.75 12.19
HB2 DPR B 27 2.85 1.42 11.95
HB3 DPR B 27 1.65 1.27 13.22
HG2 DPR B 27 1.56 2.95 10.79
HG3 DPR B 27 0.61 3.08 12.25
HD2 DPR B 27 -0.24 2.01 9.73
HD3 DPR B 27 -1.16 2.03 11.22
N GLY B 28 2.36 -1.88 10.40
CA GLY B 28 3.22 -2.54 9.44
C GLY B 28 2.60 -2.53 8.04
N TYR B 29 1.28 -2.61 8.02
CA TYR B 29 0.54 -2.61 6.77
C TYR B 29 0.36 -1.18 6.24
N LYS B 30 0.99 -0.93 5.10
CA LYS B 30 0.91 0.39 4.48
C LYS B 30 0.45 0.23 3.03
N CYS B 31 -0.70 0.80 2.73
CA CYS B 31 -1.25 0.73 1.38
C CYS B 31 -1.71 2.14 0.98
N GLU B 32 -1.29 2.54 -0.21
CA GLU B 32 -1.65 3.85 -0.72
C GLU B 32 -2.23 3.72 -2.13
N ILE B 33 -3.45 4.22 -2.28
CA ILE B 33 -4.13 4.17 -3.57
C ILE B 33 -4.57 5.59 -3.96
N LEU B 34 -4.43 5.87 -5.25
CA LEU B 34 -4.81 7.17 -5.77
C LEU B 34 -5.59 6.99 -7.06
N ALA B 35 -6.28 8.06 -7.46
CA ALA B 35 -7.07 8.04 -8.68
C ALA B 35 -6.58 9.13 -9.62
N THR A 12 6.74 -12.82 -7.36
CA THR A 12 6.05 -13.50 -6.28
C THR A 12 6.55 -12.99 -4.92
N ALA A 13 5.84 -13.38 -3.87
CA ALA A 13 6.20 -12.99 -2.53
C ALA A 13 6.92 -14.15 -1.83
N LEU A 14 8.03 -13.81 -1.18
CA LEU A 14 8.80 -14.81 -0.47
C LEU A 14 9.01 -14.36 0.98
N ASN A 15 9.47 -15.30 1.79
CA ASN A 15 9.72 -15.00 3.20
C ASN A 15 11.22 -15.06 3.46
N THR A 16 11.69 -14.06 4.21
CA THR A 16 13.10 -13.97 4.55
C THR A 16 13.29 -13.90 6.06
N DPR A 17 13.09 -15.08 6.71
CA DPR A 17 13.23 -15.16 8.16
CB DPR A 17 13.38 -16.65 8.46
CG DPR A 17 12.85 -17.36 7.23
CD DPR A 17 12.73 -16.35 6.10
C DPR A 17 12.03 -14.52 8.87
O DPR A 17 10.88 -14.92 8.63
HA DPR A 17 14.03 -14.64 8.47
HB2 DPR A 17 12.81 -16.92 9.35
HB3 DPR A 17 14.42 -16.90 8.65
HG2 DPR A 17 11.88 -17.83 7.45
HG3 DPR A 17 13.52 -18.18 6.95
HD2 DPR A 17 11.72 -16.32 5.70
HD3 DPR A 17 13.39 -16.60 5.28
N ALA A 18 12.33 -13.56 9.72
CA ALA A 18 11.29 -12.86 10.46
C ALA A 18 10.62 -11.83 9.55
N VAL A 19 11.45 -10.98 8.96
CA VAL A 19 10.96 -9.95 8.06
C VAL A 19 10.91 -10.50 6.64
N GLN A 20 9.80 -10.24 5.98
CA GLN A 20 9.61 -10.69 4.61
C GLN A 20 9.26 -9.51 3.70
N LYS A 21 9.50 -9.70 2.41
CA LYS A 21 9.21 -8.67 1.43
C LYS A 21 7.99 -9.09 0.60
N TRP A 22 6.84 -8.58 1.00
CA TRP A 22 5.60 -8.89 0.31
C TRP A 22 5.17 -7.64 -0.47
N HIS A 23 5.16 -7.77 -1.79
CA HIS A 23 4.76 -6.67 -2.64
C HIS A 23 3.46 -7.02 -3.36
N PHE A 24 2.51 -6.10 -3.28
CA PHE A 24 1.21 -6.31 -3.92
C PHE A 24 0.80 -5.07 -4.72
N VAL A 25 1.01 -5.15 -6.03
CA VAL A 25 0.65 -4.04 -6.91
C VAL A 25 -0.19 -4.57 -8.06
N LEU A 26 -1.48 -4.68 -7.81
CA LEU A 26 -2.41 -5.17 -8.82
C LEU A 26 -3.46 -4.10 -9.10
N DPR A 27 -3.88 -4.03 -10.39
CA DPR A 27 -4.88 -3.06 -10.81
CB DPR A 27 -5.40 -3.57 -12.14
CG DPR A 27 -4.35 -4.55 -12.65
CD DPR A 27 -3.43 -4.88 -11.49
C DPR A 27 -4.28 -1.66 -10.90
O DPR A 27 -3.80 -1.26 -11.95
HA DPR A 27 -5.61 -3.01 -10.13
HB2 DPR A 27 -5.54 -2.75 -12.85
HB3 DPR A 27 -6.37 -4.06 -12.02
HG2 DPR A 27 -3.80 -4.12 -13.48
HG3 DPR A 27 -4.83 -5.46 -13.02
HD2 DPR A 27 -2.38 -4.67 -11.75
HD3 DPR A 27 -3.48 -5.93 -11.23
N GLY A 28 -4.33 -0.96 -9.77
CA GLY A 28 -3.78 0.39 -9.72
C GLY A 28 -3.61 0.85 -8.27
N TYR A 29 -3.19 -0.09 -7.43
CA TYR A 29 -2.98 0.20 -6.02
C TYR A 29 -1.55 -0.15 -5.60
N LYS A 30 -1.05 0.63 -4.65
CA LYS A 30 0.31 0.41 -4.16
C LYS A 30 0.23 -0.07 -2.70
N CYS A 31 0.12 -1.39 -2.56
CA CYS A 31 0.04 -1.99 -1.24
C CYS A 31 1.31 -2.80 -1.00
N GLU A 32 2.21 -2.24 -0.21
CA GLU A 32 3.46 -2.89 0.10
C GLU A 32 3.52 -3.25 1.59
N ILE A 33 4.04 -4.44 1.87
CA ILE A 33 4.16 -4.91 3.24
C ILE A 33 5.63 -5.18 3.56
N LEU A 34 6.20 -4.33 4.39
CA LEU A 34 7.59 -4.46 4.79
C LEU A 34 7.66 -4.74 6.28
N ALA A 35 7.36 -5.98 6.64
CA ALA A 35 7.38 -6.38 8.04
C ALA A 35 8.45 -7.47 8.23
N THR B 12 -9.62 6.94 7.07
CA THR B 12 -10.06 8.30 6.81
C THR B 12 -9.69 8.72 5.39
N ALA B 13 -10.72 9.08 4.63
CA ALA B 13 -10.53 9.50 3.26
C ALA B 13 -11.01 10.95 3.10
N LEU B 14 -10.10 11.78 2.62
CA LEU B 14 -10.40 13.19 2.42
C LEU B 14 -10.34 13.52 0.92
N ASN B 15 -11.46 14.01 0.41
CA ASN B 15 -11.55 14.36 -1.00
C ASN B 15 -11.64 15.88 -1.13
N THR B 16 -10.48 16.49 -1.34
CA THR B 16 -10.41 17.93 -1.49
C THR B 16 -9.70 18.31 -2.79
N DPR B 17 -10.19 19.40 -3.42
CA DPR B 17 -9.62 19.87 -4.66
CB DPR B 17 -10.11 21.31 -4.81
CG DPR B 17 -11.30 21.44 -3.88
CD DPR B 17 -11.30 20.24 -2.95
C DPR B 17 -10.04 18.98 -5.83
O DPR B 17 -11.15 18.45 -5.84
HA DPR B 17 -8.62 19.82 -4.63
HB2 DPR B 17 -10.38 21.53 -5.84
HB3 DPR B 17 -9.31 22.01 -4.54
HG2 DPR B 17 -12.22 21.48 -4.45
HG3 DPR B 17 -11.24 22.36 -3.31
HD2 DPR B 17 -12.25 19.70 -3.01
HD3 DPR B 17 -11.16 20.53 -1.92
N ALA B 18 -9.14 18.84 -6.79
CA ALA B 18 -9.40 18.03 -7.96
C ALA B 18 -9.17 16.55 -7.61
N VAL B 19 -7.90 16.21 -7.39
CA VAL B 19 -7.53 14.86 -7.05
C VAL B 19 -7.63 14.68 -5.53
N GLN B 20 -7.80 13.43 -5.13
CA GLN B 20 -7.91 13.10 -3.72
C GLN B 20 -6.82 12.11 -3.31
N LYS B 21 -6.60 12.02 -2.02
CA LYS B 21 -5.59 11.13 -1.49
C LYS B 21 -6.24 10.12 -0.54
N TRP B 22 -5.81 8.87 -0.65
CA TRP B 22 -6.34 7.81 0.18
C TRP B 22 -5.18 7.18 0.94
N HIS B 23 -5.03 7.60 2.19
CA HIS B 23 -3.97 7.08 3.03
C HIS B 23 -4.56 6.11 4.07
N PHE B 24 -4.48 4.84 3.73
CA PHE B 24 -5.00 3.80 4.62
C PHE B 24 -3.86 2.95 5.19
N VAL B 25 -3.81 2.90 6.52
CA VAL B 25 -2.78 2.13 7.20
C VAL B 25 -3.44 1.13 8.14
N LEU B 26 -2.95 -0.10 8.09
CA LEU B 26 -3.48 -1.16 8.93
C LEU B 26 -2.33 -1.87 9.65
N DPR B 27 -1.63 -1.09 10.52
CA DPR B 27 -0.51 -1.64 11.26
CB DPR B 27 -0.29 -0.66 12.41
CG DPR B 27 -0.99 0.62 11.99
CD DPR B 27 -1.89 0.31 10.82
C DPR B 27 0.72 -1.79 10.37
O DPR B 27 1.30 -0.81 9.93
HA DPR B 27 -0.73 -2.55 11.60
HB2 DPR B 27 0.77 -0.49 12.58
HB3 DPR B 27 -0.71 -1.05 13.33
HG2 DPR B 27 -0.25 1.39 11.72
HG3 DPR B 27 -1.57 1.03 12.82
HD2 DPR B 27 -1.66 0.95 9.96
HD3 DPR B 27 -2.94 0.48 11.06
N GLY B 28 1.07 -3.05 10.13
CA GLY B 28 2.22 -3.35 9.30
C GLY B 28 1.88 -3.23 7.81
N TYR B 29 0.66 -3.65 7.48
CA TYR B 29 0.19 -3.59 6.11
C TYR B 29 -0.38 -2.21 5.78
N LYS B 30 0.33 -1.52 4.89
CA LYS B 30 -0.09 -0.19 4.49
C LYS B 30 -0.20 -0.14 2.95
N CYS B 31 -1.18 0.61 2.48
CA CYS B 31 -1.41 0.75 1.06
C CYS B 31 -1.80 2.19 0.78
N GLU B 32 -1.25 2.71 -0.32
CA GLU B 32 -1.54 4.08 -0.72
C GLU B 32 -1.89 4.14 -2.21
N ILE B 33 -3.12 4.57 -2.48
CA ILE B 33 -3.60 4.68 -3.84
C ILE B 33 -4.08 6.10 -4.10
N LEU B 34 -3.53 6.71 -5.14
CA LEU B 34 -3.91 8.06 -5.50
C LEU B 34 -4.51 8.06 -6.91
N ALA B 35 -5.47 8.95 -7.10
CA ALA B 35 -6.14 9.07 -8.38
C ALA B 35 -5.76 10.41 -9.03
N THR A 12 5.41 -10.88 -7.05
CA THR A 12 5.92 -10.04 -5.98
C THR A 12 7.18 -10.65 -5.38
N ALA A 13 8.28 -9.93 -5.51
CA ALA A 13 9.56 -10.39 -4.99
C ALA A 13 10.46 -9.18 -4.72
N LEU A 14 10.50 -8.78 -3.46
CA LEU A 14 11.32 -7.64 -3.06
C LEU A 14 12.10 -8.00 -1.79
N ASN A 15 12.95 -9.01 -1.92
CA ASN A 15 13.75 -9.45 -0.80
C ASN A 15 15.11 -9.94 -1.31
N THR A 16 16.15 -9.51 -0.62
CA THR A 16 17.51 -9.89 -0.99
C THR A 16 18.30 -10.32 0.24
N DPR A 17 17.77 -11.36 0.94
CA DPR A 17 18.43 -11.87 2.13
CB DPR A 17 17.82 -13.24 2.36
CG DPR A 17 16.54 -13.27 1.55
CD DPR A 17 16.55 -12.08 0.60
C DPR A 17 18.21 -10.92 3.32
O DPR A 17 17.65 -11.32 4.33
HA DPR A 17 19.42 -11.91 1.99
HB2 DPR A 17 17.63 -13.42 3.41
HB3 DPR A 17 18.51 -14.03 2.01
HG2 DPR A 17 15.67 -13.21 2.22
HG3 DPR A 17 16.44 -14.20 0.99
HD2 DPR A 17 15.67 -11.45 0.74
HD3 DPR A 17 16.55 -12.40 -0.44
N ALA A 18 18.68 -9.69 3.14
CA ALA A 18 18.55 -8.69 4.18
C ALA A 18 17.18 -8.82 4.84
N VAL A 19 16.15 -8.49 4.08
CA VAL A 19 14.78 -8.56 4.57
C VAL A 19 13.94 -9.40 3.61
N GLN A 20 12.72 -9.69 4.03
CA GLN A 20 11.81 -10.48 3.23
C GLN A 20 10.51 -9.72 2.99
N LYS A 21 10.56 -8.80 2.03
CA LYS A 21 9.40 -8.00 1.70
C LYS A 21 8.83 -8.45 0.35
N TRP A 22 7.53 -8.27 0.20
CA TRP A 22 6.87 -8.65 -1.03
C TRP A 22 6.06 -7.45 -1.53
N HIS A 23 6.35 -7.05 -2.75
CA HIS A 23 5.66 -5.92 -3.35
C HIS A 23 4.56 -6.42 -4.29
N PHE A 24 3.33 -6.10 -3.95
CA PHE A 24 2.20 -6.52 -4.75
C PHE A 24 1.44 -5.31 -5.30
N VAL A 25 1.66 -5.03 -6.57
CA VAL A 25 1.01 -3.91 -7.22
C VAL A 25 0.37 -4.39 -8.52
N LEU A 26 -0.93 -4.18 -8.61
CA LEU A 26 -1.69 -4.58 -9.79
C LEU A 26 -3.03 -3.85 -9.81
N DPR A 27 -3.60 -3.73 -11.04
CA DPR A 27 -4.87 -3.05 -11.21
CB DPR A 27 -5.36 -3.49 -12.58
CG DPR A 27 -4.15 -4.02 -13.32
CD DPR A 27 -3.04 -4.22 -12.29
C DPR A 27 -4.71 -1.54 -11.10
O DPR A 27 -4.97 -0.80 -12.05
HA DPR A 27 -5.50 -3.31 -10.48
HB2 DPR A 27 -5.82 -2.65 -13.12
HB3 DPR A 27 -6.13 -4.26 -12.49
HG2 DPR A 27 -3.84 -3.32 -14.09
HG3 DPR A 27 -4.38 -4.96 -13.81
HD2 DPR A 27 -2.14 -3.67 -12.58
HD3 DPR A 27 -2.76 -5.26 -12.22
N GLY A 28 -4.28 -1.10 -9.92
CA GLY A 28 -4.08 0.32 -9.67
C GLY A 28 -3.62 0.55 -8.23
N TYR A 29 -4.22 -0.20 -7.31
CA TYR A 29 -3.88 -0.08 -5.91
C TYR A 29 -2.58 -0.82 -5.59
N LYS A 30 -1.72 -0.13 -4.85
CA LYS A 30 -0.44 -0.71 -4.47
C LYS A 30 -0.39 -0.86 -2.94
N CYS A 31 -0.27 -2.11 -2.52
CA CYS A 31 -0.21 -2.40 -1.09
C CYS A 31 1.18 -2.98 -0.78
N GLU A 32 1.85 -2.33 0.16
CA GLU A 32 3.18 -2.75 0.56
C GLU A 32 3.19 -3.16 2.04
N ILE A 33 3.42 -4.44 2.26
CA ILE A 33 3.45 -4.97 3.62
C ILE A 33 4.85 -5.54 3.90
N LEU A 34 5.25 -5.43 5.15
CA LEU A 34 6.56 -5.93 5.57
C LEU A 34 6.37 -7.20 6.39
N ALA A 35 7.33 -8.11 6.25
CA ALA A 35 7.28 -9.37 6.98
C ALA A 35 8.53 -9.50 7.84
N THR B 12 -9.11 7.98 5.57
CA THR B 12 -9.77 9.21 5.16
C THR B 12 -9.62 9.41 3.65
N ALA B 13 -10.74 9.62 2.99
CA ALA B 13 -10.74 9.83 1.55
C ALA B 13 -11.35 11.19 1.25
N LEU B 14 -10.50 12.21 1.29
CA LEU B 14 -10.94 13.57 1.01
C LEU B 14 -10.13 14.13 -0.15
N ASN B 15 -10.60 15.26 -0.67
CA ASN B 15 -9.94 15.92 -1.78
C ASN B 15 -10.03 17.43 -1.61
N THR B 16 -9.15 18.13 -2.29
CA THR B 16 -9.13 19.59 -2.23
C THR B 16 -8.97 20.18 -3.63
N DPR B 17 -9.96 19.86 -4.51
CA DPR B 17 -9.94 20.37 -5.88
CB DPR B 17 -11.36 20.17 -6.38
CG DPR B 17 -12.01 19.17 -5.45
CD DPR B 17 -11.12 19.03 -4.22
C DPR B 17 -8.91 19.61 -6.72
O DPR B 17 -9.24 19.00 -7.74
HA DPR B 17 -9.66 21.32 -5.89
HB2 DPR B 17 -11.36 19.82 -7.41
HB3 DPR B 17 -11.90 21.12 -6.37
HG2 DPR B 17 -12.13 18.21 -5.95
HG3 DPR B 17 -13.00 19.50 -5.16
HD2 DPR B 17 -10.83 17.99 -4.06
HD3 DPR B 17 -11.64 19.36 -3.33
N ALA B 18 -7.66 19.67 -6.25
CA ALA B 18 -6.57 18.99 -6.95
C ALA B 18 -7.03 17.59 -7.36
N VAL B 19 -6.79 16.63 -6.47
CA VAL B 19 -7.17 15.26 -6.73
C VAL B 19 -7.57 14.58 -5.42
N GLN B 20 -8.10 13.38 -5.54
CA GLN B 20 -8.52 12.63 -4.38
C GLN B 20 -7.57 11.45 -4.14
N LYS B 21 -6.95 11.45 -2.96
CA LYS B 21 -6.03 10.40 -2.60
C LYS B 21 -6.45 9.79 -1.26
N TRP B 22 -6.31 8.48 -1.15
CA TRP B 22 -6.66 7.78 0.06
C TRP B 22 -5.40 7.13 0.62
N HIS B 23 -4.89 7.71 1.70
CA HIS B 23 -3.70 7.19 2.34
C HIS B 23 -4.03 6.68 3.75
N PHE B 24 -4.30 5.38 3.81
CA PHE B 24 -4.64 4.76 5.08
C PHE B 24 -3.59 3.73 5.49
N VAL B 25 -3.19 3.79 6.75
CA VAL B 25 -2.19 2.87 7.26
C VAL B 25 -2.76 2.15 8.48
N LEU B 26 -2.35 0.90 8.64
CA LEU B 26 -2.81 0.09 9.76
C LEU B 26 -1.61 -0.64 10.37
N DPR B 27 -0.65 0.16 10.90
CA DPR B 27 0.54 -0.40 11.52
CB DPR B 27 1.13 0.73 12.35
CG DPR B 27 0.51 2.01 11.80
CD DPR B 27 -0.66 1.62 10.91
C DPR B 27 1.52 -0.93 10.46
O DPR B 27 2.19 -0.15 9.79
HA DPR B 27 0.31 -1.19 12.08
HB2 DPR B 27 2.22 0.75 12.26
HB3 DPR B 27 0.89 0.61 13.40
HG2 DPR B 27 1.24 2.58 11.22
HG3 DPR B 27 0.19 2.65 12.61
HD2 DPR B 27 -0.56 2.03 9.91
HD3 DPR B 27 -1.60 2.01 11.32
N GLY B 28 1.55 -2.24 10.33
CA GLY B 28 2.42 -2.89 9.37
C GLY B 28 1.76 -2.94 7.99
N TYR B 29 0.52 -3.38 7.97
CA TYR B 29 -0.22 -3.47 6.72
C TYR B 29 -0.80 -2.11 6.32
N LYS B 30 -0.10 -1.46 5.40
CA LYS B 30 -0.54 -0.15 4.92
C LYS B 30 -0.58 -0.16 3.39
N CYS B 31 -1.65 0.42 2.86
CA CYS B 31 -1.81 0.48 1.42
C CYS B 31 -2.21 1.91 1.05
N GLU B 32 -1.52 2.44 0.04
CA GLU B 32 -1.78 3.79 -0.42
C GLU B 32 -2.17 3.78 -1.90
N ILE B 33 -3.32 4.38 -2.18
CA ILE B 33 -3.82 4.44 -3.54
C ILE B 33 -4.14 5.90 -3.88
N LEU B 34 -3.43 6.41 -4.87
CA LEU B 34 -3.62 7.78 -5.32
C LEU B 34 -4.36 7.78 -6.66
N ALA B 35 -5.15 8.82 -6.86
CA ALA B 35 -5.91 8.95 -8.09
C ALA B 35 -5.43 10.18 -8.86
N THR A 12 6.90 -10.15 -5.52
CA THR A 12 8.14 -10.75 -5.03
C THR A 12 8.10 -10.87 -3.51
N ALA A 13 8.53 -12.04 -3.04
CA ALA A 13 8.54 -12.30 -1.60
C ALA A 13 9.75 -13.17 -1.26
N LEU A 14 10.41 -12.81 -0.17
CA LEU A 14 11.58 -13.54 0.27
C LEU A 14 11.70 -13.45 1.79
N ASN A 15 10.95 -14.30 2.47
CA ASN A 15 10.96 -14.31 3.93
C ASN A 15 12.40 -14.35 4.42
N THR A 16 12.72 -13.40 5.30
CA THR A 16 14.06 -13.31 5.86
C THR A 16 14.01 -13.39 7.39
N DPR A 17 14.02 -14.65 7.90
CA DPR A 17 13.98 -14.88 9.34
CB DPR A 17 14.45 -16.30 9.52
CG DPR A 17 14.30 -16.97 8.17
CD DPR A 17 14.08 -15.89 7.13
C DPR A 17 12.58 -14.63 9.88
O DPR A 17 11.63 -15.33 9.51
HA DPR A 17 14.57 -14.22 9.81
HB2 DPR A 17 13.86 -16.82 10.28
HB3 DPR A 17 15.49 -16.34 9.85
HG2 DPR A 17 13.45 -17.67 8.17
HG3 DPR A 17 15.19 -17.56 7.92
HD2 DPR A 17 13.16 -16.05 6.57
HD3 DPR A 17 14.89 -15.86 6.40
N ALA A 18 12.48 -13.64 10.75
CA ALA A 18 11.19 -13.29 11.36
C ALA A 18 10.67 -12.01 10.72
N VAL A 19 11.00 -11.84 9.45
CA VAL A 19 10.55 -10.67 8.71
C VAL A 19 9.64 -11.10 7.57
N GLN A 20 8.51 -10.42 7.46
CA GLN A 20 7.54 -10.73 6.43
C GLN A 20 7.50 -9.59 5.40
N LYS A 21 7.41 -9.99 4.14
CA LYS A 21 7.36 -9.02 3.06
C LYS A 21 6.24 -9.42 2.08
N TRP A 22 6.14 -8.64 1.01
CA TRP A 22 5.12 -8.90 0.00
C TRP A 22 5.06 -7.68 -0.92
N HIS A 23 5.09 -7.95 -2.21
CA HIS A 23 5.04 -6.88 -3.20
C HIS A 23 3.92 -7.18 -4.21
N PHE A 24 2.90 -6.34 -4.17
CA PHE A 24 1.77 -6.50 -5.07
C PHE A 24 1.40 -5.16 -5.73
N VAL A 25 1.90 -4.98 -6.95
CA VAL A 25 1.63 -3.76 -7.68
C VAL A 25 0.56 -4.04 -8.74
N LEU A 26 -0.53 -3.29 -8.65
CA LEU A 26 -1.62 -3.44 -9.60
C LEU A 26 -1.94 -2.09 -10.23
N DPR A 27 -0.92 -1.52 -10.92
CA DPR A 27 -1.08 -0.22 -11.57
CB DPR A 27 0.06 -0.15 -12.57
CG DPR A 27 1.09 -1.17 -12.12
CD DPR A 27 0.41 -2.09 -11.10
C DPR A 27 -1.07 0.91 -10.54
O DPR A 27 -0.07 1.13 -9.87
HA DPR A 27 -1.97 -0.18 -12.02
HB2 DPR A 27 0.49 0.86 -12.58
HB3 DPR A 27 -0.28 -0.35 -13.58
HG2 DPR A 27 1.95 -0.68 -11.68
HG3 DPR A 27 1.44 -1.75 -12.97
HD2 DPR A 27 0.97 -2.10 -10.16
HD3 DPR A 27 0.37 -3.11 -11.46
N GLY A 28 -2.20 1.59 -10.46
CA GLY A 28 -2.32 2.71 -9.53
C GLY A 28 -2.58 2.20 -8.11
N TYR A 29 -2.91 0.92 -8.02
CA TYR A 29 -3.18 0.31 -6.73
C TYR A 29 -1.94 -0.43 -6.21
N LYS A 30 -1.18 0.27 -5.37
CA LYS A 30 0.02 -0.30 -4.80
C LYS A 30 -0.23 -0.64 -3.33
N CYS A 31 0.06 -1.87 -2.98
CA CYS A 31 -0.12 -2.34 -1.61
C CYS A 31 1.09 -3.17 -1.21
N GLU A 32 1.78 -2.70 -0.18
CA GLU A 32 2.96 -3.39 0.31
C GLU A 32 2.86 -3.61 1.82
N ILE A 33 3.02 -4.86 2.22
CA ILE A 33 2.94 -5.22 3.63
C ILE A 33 4.36 -5.39 4.18
N LEU A 34 4.66 -4.59 5.19
CA LEU A 34 5.98 -4.64 5.81
C LEU A 34 5.83 -5.07 7.28
N ALA A 35 6.89 -5.66 7.80
CA ALA A 35 6.89 -6.12 9.17
C ALA A 35 7.68 -5.13 10.04
N THR B 12 -6.73 7.49 6.68
CA THR B 12 -8.06 8.09 6.58
C THR B 12 -8.48 8.19 5.11
N ALA B 13 -9.78 8.02 4.88
CA ALA B 13 -10.32 8.09 3.54
C ALA B 13 -11.42 9.15 3.50
N LEU B 14 -11.06 10.31 2.97
CA LEU B 14 -12.01 11.41 2.87
C LEU B 14 -11.93 12.01 1.46
N ASN B 15 -12.89 12.86 1.16
CA ASN B 15 -12.96 13.50 -0.15
C ASN B 15 -12.20 14.84 -0.08
N THR B 16 -11.06 14.87 -0.75
CA THR B 16 -10.25 16.06 -0.78
C THR B 16 -10.19 16.64 -2.19
N DPR B 17 -11.24 17.44 -2.53
CA DPR B 17 -11.32 18.06 -3.84
CB DPR B 17 -12.32 19.19 -3.69
CG DPR B 17 -13.11 18.86 -2.44
CD DPR B 17 -12.36 17.78 -1.67
C DPR B 17 -11.71 17.02 -4.90
O DPR B 17 -12.63 16.23 -4.68
HA DPR B 17 -10.41 18.40 -4.13
HB2 DPR B 17 -12.97 19.24 -4.56
HB3 DPR B 17 -11.82 20.15 -3.61
HG2 DPR B 17 -14.11 18.53 -2.69
HG3 DPR B 17 -13.23 19.76 -1.82
HD2 DPR B 17 -12.99 16.93 -1.48
HD3 DPR B 17 -12.02 18.15 -0.70
N ALA B 18 -11.01 17.08 -6.03
CA ALA B 18 -11.29 16.17 -7.12
C ALA B 18 -10.39 14.93 -6.98
N VAL B 19 -9.29 15.11 -6.27
CA VAL B 19 -8.35 14.03 -6.05
C VAL B 19 -8.60 13.41 -4.67
N GLN B 20 -9.03 12.17 -4.69
CA GLN B 20 -9.31 11.45 -3.45
C GLN B 20 -8.04 10.76 -2.95
N LYS B 21 -7.84 10.84 -1.64
CA LYS B 21 -6.68 10.22 -1.03
C LYS B 21 -7.11 8.92 -0.34
N TRP B 22 -6.23 7.92 -0.43
CA TRP B 22 -6.50 6.63 0.16
C TRP B 22 -5.28 6.23 1.00
N HIS B 23 -5.13 6.89 2.13
CA HIS B 23 -4.01 6.62 3.02
C HIS B 23 -4.45 5.64 4.11
N PHE B 24 -4.16 4.37 3.88
CA PHE B 24 -4.51 3.33 4.82
C PHE B 24 -3.26 2.70 5.45
N VAL B 25 -2.84 3.29 6.56
CA VAL B 25 -1.67 2.80 7.26
C VAL B 25 -2.02 2.56 8.72
N LEU B 26 -2.72 1.46 8.96
CA LEU B 26 -3.12 1.09 10.31
C LEU B 26 -2.42 -0.20 10.71
N DPR B 27 -2.01 -0.25 12.01
CA DPR B 27 -1.33 -1.42 12.54
CB DPR B 27 -1.43 -1.29 14.05
CG DPR B 27 -1.75 0.17 14.31
CD DPR B 27 -2.18 0.81 13.00
C DPR B 27 0.12 -1.49 12.04
O DPR B 27 0.99 -0.81 12.58
HA DPR B 27 -1.77 -2.26 12.22
HB2 DPR B 27 -0.50 -1.58 14.53
HB3 DPR B 27 -2.21 -1.93 14.45
HG2 DPR B 27 -0.87 0.69 14.72
HG3 DPR B 27 -2.54 0.27 15.06
HD2 DPR B 27 -1.56 1.68 12.77
HD3 DPR B 27 -3.21 1.16 13.05
N GLY B 28 0.31 -2.30 11.02
CA GLY B 28 1.64 -2.47 10.44
C GLY B 28 1.55 -2.71 8.93
N TYR B 29 0.52 -2.14 8.33
CA TYR B 29 0.30 -2.28 6.89
C TYR B 29 0.63 -0.99 6.16
N LYS B 30 1.04 -1.15 4.91
CA LYS B 30 1.39 0.00 4.09
C LYS B 30 0.66 -0.09 2.76
N CYS B 31 -0.55 0.47 2.73
CA CYS B 31 -1.36 0.46 1.53
C CYS B 31 -1.66 1.91 1.13
N GLU B 32 -1.21 2.27 -0.05
CA GLU B 32 -1.42 3.61 -0.56
C GLU B 32 -2.09 3.57 -1.93
N ILE B 33 -3.32 4.06 -1.98
CA ILE B 33 -4.07 4.08 -3.22
C ILE B 33 -4.52 5.51 -3.53
N LEU B 34 -4.50 5.86 -4.80
CA LEU B 34 -4.90 7.18 -5.23
C LEU B 34 -6.06 7.07 -6.22
N ALA B 35 -7.06 7.90 -6.00
CA ALA B 35 -8.24 7.90 -6.85
C ALA B 35 -8.58 9.34 -7.23
N THR A 12 11.19 -12.17 -5.46
CA THR A 12 10.09 -11.31 -5.03
C THR A 12 9.13 -12.10 -4.14
N ALA A 13 9.61 -12.41 -2.94
CA ALA A 13 8.79 -13.15 -1.99
C ALA A 13 9.63 -13.45 -0.73
N LEU A 14 9.80 -12.41 0.07
CA LEU A 14 10.56 -12.54 1.30
C LEU A 14 9.60 -12.78 2.47
N ASN A 15 9.75 -13.96 3.07
CA ASN A 15 8.91 -14.33 4.20
C ASN A 15 9.79 -14.75 5.38
N THR A 16 9.70 -13.97 6.45
CA THR A 16 10.48 -14.25 7.64
C THR A 16 9.57 -14.60 8.81
N DPR A 17 9.38 -15.93 9.01
CA DPR A 17 8.53 -16.40 10.09
CB DPR A 17 8.90 -17.87 10.27
CG DPR A 17 9.61 -18.28 8.99
CD DPR A 17 9.96 -17.01 8.23
C DPR A 17 7.04 -16.21 9.76
O DPR A 17 6.46 -17.00 9.02
HA DPR A 17 8.69 -15.88 10.92
HB2 DPR A 17 8.02 -18.48 10.45
HB3 DPR A 17 9.55 -18.00 11.14
HG2 DPR A 17 8.96 -18.92 8.40
HG3 DPR A 17 10.51 -18.84 9.22
HD2 DPR A 17 9.54 -17.03 7.22
HD3 DPR A 17 11.04 -16.90 8.12
N ALA A 18 6.48 -15.14 10.31
CA ALA A 18 5.09 -14.83 10.08
C ALA A 18 4.97 -13.41 9.52
N VAL A 19 5.99 -13.02 8.77
CA VAL A 19 6.02 -11.69 8.18
C VAL A 19 6.28 -11.81 6.67
N GLN A 20 5.37 -11.26 5.90
CA GLN A 20 5.48 -11.30 4.44
C GLN A 20 5.65 -9.89 3.89
N LYS A 21 6.74 -9.70 3.17
CA LYS A 21 7.04 -8.41 2.57
C LYS A 21 7.02 -8.53 1.04
N TRP A 22 5.86 -8.94 0.53
CA TRP A 22 5.70 -9.11 -0.90
C TRP A 22 5.09 -7.83 -1.46
N HIS A 23 5.72 -7.31 -2.52
CA HIS A 23 5.25 -6.10 -3.15
C HIS A 23 4.56 -6.45 -4.48
N PHE A 24 3.25 -6.23 -4.51
CA PHE A 24 2.48 -6.51 -5.71
C PHE A 24 1.55 -5.34 -6.04
N VAL A 25 1.88 -4.66 -7.13
CA VAL A 25 1.09 -3.52 -7.56
C VAL A 25 0.51 -3.82 -8.95
N LEU A 26 -0.81 -3.80 -9.01
CA LEU A 26 -1.50 -4.07 -10.27
C LEU A 26 -2.10 -2.76 -10.80
N DPR A 27 -1.64 -2.37 -12.02
CA DPR A 27 -2.12 -1.16 -12.66
CB DPR A 27 -1.75 -1.31 -14.13
CG DPR A 27 -0.68 -2.38 -14.18
CD DPR A 27 -0.67 -3.10 -12.85
C DPR A 27 -1.49 0.08 -12.01
O DPR A 27 -0.37 0.46 -12.34
HA DPR A 27 -3.11 -1.07 -12.53
HB2 DPR A 27 -1.38 -0.37 -14.53
HB3 DPR A 27 -2.62 -1.59 -14.72
HG2 DPR A 27 0.29 -1.94 -14.39
HG3 DPR A 27 -0.88 -3.08 -14.99
HD2 DPR A 27 0.32 -3.08 -12.39
HD3 DPR A 27 -0.94 -4.15 -12.96
N GLY A 28 -2.25 0.66 -11.09
CA GLY A 28 -1.78 1.84 -10.39
C GLY A 28 -2.18 1.80 -8.91
N TYR A 29 -2.03 0.62 -8.33
CA TYR A 29 -2.37 0.43 -6.93
C TYR A 29 -1.19 -0.14 -6.15
N LYS A 30 -0.79 0.59 -5.11
CA LYS A 30 0.32 0.17 -4.29
C LYS A 30 -0.20 -0.31 -2.94
N CYS A 31 -0.25 -1.62 -2.79
CA CYS A 31 -0.73 -2.22 -1.56
C CYS A 31 0.28 -3.27 -1.11
N GLU A 32 1.12 -2.87 -0.17
CA GLU A 32 2.15 -3.77 0.36
C GLU A 32 1.94 -3.99 1.85
N ILE A 33 2.20 -5.22 2.28
CA ILE A 33 2.05 -5.57 3.68
C ILE A 33 3.44 -5.72 4.32
N LEU A 34 3.76 -4.78 5.21
CA LEU A 34 5.04 -4.80 5.88
C LEU A 34 4.81 -4.89 7.40
N ALA A 35 4.26 -6.01 7.82
CA ALA A 35 3.99 -6.23 9.23
C ALA A 35 4.81 -7.42 9.73
N THR B 12 -8.17 11.17 7.59
CA THR B 12 -9.28 11.76 6.86
C THR B 12 -9.22 11.37 5.39
N ALA B 13 -10.36 10.95 4.87
CA ALA B 13 -10.44 10.55 3.47
C ALA B 13 -11.42 11.46 2.74
N LEU B 14 -11.02 11.86 1.54
CA LEU B 14 -11.85 12.74 0.72
C LEU B 14 -12.24 12.01 -0.56
N ASN B 15 -13.54 11.98 -0.82
CA ASN B 15 -14.06 11.33 -2.00
C ASN B 15 -14.83 12.35 -2.85
N THR B 16 -14.13 12.88 -3.84
CA THR B 16 -14.74 13.86 -4.72
C THR B 16 -14.80 13.32 -6.16
N DPR B 17 -15.98 12.74 -6.49
CA DPR B 17 -16.20 12.18 -7.82
CB DPR B 17 -17.71 12.04 -7.96
CG DPR B 17 -18.25 12.09 -6.54
CD DPR B 17 -17.15 12.60 -5.63
C DPR B 17 -15.46 10.85 -7.97
O DPR B 17 -15.64 9.93 -7.18
HA DPR B 17 -15.82 12.79 -8.51
HB2 DPR B 17 -17.96 11.10 -8.44
HB3 DPR B 17 -18.12 12.85 -8.56
HG2 DPR B 17 -18.59 11.09 -6.23
HG3 DPR B 17 -19.12 12.74 -6.49
HD2 DPR B 17 -16.95 11.90 -4.81
HD3 DPR B 17 -17.42 13.55 -5.17
N ALA B 18 -14.63 10.78 -9.01
CA ALA B 18 -13.86 9.59 -9.28
C ALA B 18 -12.43 9.77 -8.78
N VAL B 19 -12.32 10.55 -7.71
CA VAL B 19 -11.01 10.82 -7.12
C VAL B 19 -11.01 10.34 -5.67
N GLN B 20 -10.36 9.20 -5.46
CA GLN B 20 -10.27 8.63 -4.13
C GLN B 20 -8.81 8.53 -3.69
N LYS B 21 -8.45 9.41 -2.77
CA LYS B 21 -7.09 9.44 -2.25
C LYS B 21 -7.11 9.17 -0.75
N TRP B 22 -7.28 7.91 -0.41
CA TRP B 22 -7.32 7.51 0.99
C TRP B 22 -6.12 6.59 1.26
N HIS B 23 -5.48 6.83 2.38
CA HIS B 23 -4.31 6.03 2.77
C HIS B 23 -4.60 5.31 4.09
N PHE B 24 -4.25 4.04 4.10
CA PHE B 24 -4.47 3.22 5.29
C PHE B 24 -3.14 2.66 5.82
N VAL B 25 -2.51 3.43 6.68
CA VAL B 25 -1.24 3.03 7.27
C VAL B 25 -1.39 2.96 8.79
N LEU B 26 -2.19 2.00 9.23
CA LEU B 26 -2.42 1.82 10.65
C LEU B 26 -1.87 0.46 11.08
N DPR B 27 -1.44 0.39 12.37
CA DPR B 27 -0.90 -0.85 12.92
CB DPR B 27 -0.95 -0.67 14.42
CG DPR B 27 -1.09 0.82 14.66
CD DPR B 27 -1.47 1.48 13.35
C DPR B 27 0.52 -1.10 12.40
O DPR B 27 1.50 -0.70 13.04
HA DPR B 27 -1.44 -1.63 12.61
HB2 DPR B 27 -0.06 -1.06 14.90
HB3 DPR B 27 -1.80 -1.21 14.85
HG2 DPR B 27 -0.16 1.24 15.05
HG3 DPR B 27 -1.86 1.02 15.41
HD2 DPR B 27 -0.76 2.26 13.08
HD3 DPR B 27 -2.46 1.94 13.39
N GLY B 28 0.58 -1.74 11.25
CA GLY B 28 1.87 -2.05 10.63
C GLY B 28 1.70 -2.46 9.16
N TYR B 29 1.00 -1.61 8.42
CA TYR B 29 0.75 -1.87 7.02
C TYR B 29 0.95 -0.61 6.18
N LYS B 30 1.53 -0.80 5.00
CA LYS B 30 1.78 0.31 4.11
C LYS B 30 1.03 0.08 2.79
N CYS B 31 -0.28 0.30 2.85
CA CYS B 31 -1.12 0.12 1.67
C CYS B 31 -1.75 1.46 1.33
N GLU B 32 -1.31 2.03 0.21
CA GLU B 32 -1.83 3.31 -0.24
C GLU B 32 -2.48 3.17 -1.62
N ILE B 33 -3.57 3.89 -1.80
CA ILE B 33 -4.29 3.85 -3.07
C ILE B 33 -4.29 5.25 -3.68
N LEU B 34 -3.93 5.29 -4.96
CA LEU B 34 -3.88 6.55 -5.68
C LEU B 34 -4.84 6.49 -6.87
N ALA B 35 -6.12 6.65 -6.57
CA ALA B 35 -7.14 6.61 -7.60
C ALA B 35 -7.87 7.95 -7.64
N THR A 12 5.36 -15.60 -4.63
CA THR A 12 4.82 -14.39 -4.05
C THR A 12 5.74 -13.88 -2.92
N ALA A 13 6.94 -13.51 -3.30
CA ALA A 13 7.91 -13.01 -2.34
C ALA A 13 8.95 -12.16 -3.07
N LEU A 14 9.14 -10.95 -2.54
CA LEU A 14 10.10 -10.02 -3.14
C LEU A 14 11.20 -9.73 -2.11
N ASN A 15 12.34 -10.37 -2.30
CA ASN A 15 13.47 -10.19 -1.41
C ASN A 15 14.07 -8.80 -1.64
N THR A 16 14.21 -8.05 -0.56
CA THR A 16 14.76 -6.71 -0.63
C THR A 16 15.80 -6.50 0.47
N DPR A 17 17.02 -7.02 0.22
CA DPR A 17 18.11 -6.90 1.18
CB DPR A 17 19.37 -7.18 0.39
CG DPR A 17 18.92 -7.90 -0.86
CD DPR A 17 17.42 -7.74 -0.99
C DPR A 17 17.90 -7.86 2.35
O DPR A 17 17.27 -8.90 2.21
HA DPR A 17 18.11 -5.97 1.58
HB2 DPR A 17 20.06 -7.79 0.96
HB3 DPR A 17 19.89 -6.25 0.15
HG2 DPR A 17 19.19 -8.97 -0.82
HG3 DPR A 17 19.42 -7.50 -1.75
HD2 DPR A 17 16.91 -8.70 -1.05
HD3 DPR A 17 17.16 -7.17 -1.89
N ALA A 18 18.46 -7.46 3.50
CA ALA A 18 18.35 -8.28 4.69
C ALA A 18 16.87 -8.53 5.01
N VAL A 19 16.12 -7.44 5.07
CA VAL A 19 14.69 -7.53 5.35
C VAL A 19 13.95 -7.93 4.08
N GLN A 20 12.76 -8.50 4.28
CA GLN A 20 11.95 -8.93 3.16
C GLN A 20 10.73 -8.01 3.00
N LYS A 21 10.31 -7.83 1.76
CA LYS A 21 9.17 -6.98 1.46
C LYS A 21 8.39 -7.59 0.30
N TRP A 22 7.13 -7.89 0.57
CA TRP A 22 6.26 -8.46 -0.45
C TRP A 22 5.51 -7.32 -1.14
N HIS A 23 5.55 -7.35 -2.47
CA HIS A 23 4.89 -6.32 -3.25
C HIS A 23 3.51 -6.82 -3.69
N PHE A 24 2.50 -6.04 -3.37
CA PHE A 24 1.13 -6.39 -3.72
C PHE A 24 0.54 -5.36 -4.68
N VAL A 25 0.83 -5.56 -5.96
CA VAL A 25 0.32 -4.66 -6.99
C VAL A 25 -0.84 -5.33 -7.72
N LEU A 26 -2.03 -4.79 -7.48
CA LEU A 26 -3.23 -5.33 -8.11
C LEU A 26 -4.23 -4.20 -8.32
N DPR A 27 -5.01 -4.31 -9.44
CA DPR A 27 -6.01 -3.31 -9.76
CB DPR A 27 -6.93 -3.99 -10.77
CG DPR A 27 -6.15 -5.16 -11.31
CD DPR A 27 -4.95 -5.40 -10.40
C DPR A 27 -5.36 -2.04 -10.30
O DPR A 27 -4.93 -2.00 -11.45
HA DPR A 27 -6.51 -3.03 -8.93
HB2 DPR A 27 -7.21 -3.29 -11.56
HB3 DPR A 27 -7.85 -4.31 -10.29
HG2 DPR A 27 -5.82 -4.97 -12.33
HG3 DPR A 27 -6.78 -6.05 -11.35
HD2 DPR A 27 -4.02 -5.37 -10.97
HD3 DPR A 27 -5.00 -6.37 -9.92
N GLY A 28 -5.29 -1.03 -9.44
CA GLY A 28 -4.70 0.24 -9.83
C GLY A 28 -4.13 0.97 -8.60
N TYR A 29 -3.63 0.18 -7.66
CA TYR A 29 -3.06 0.73 -6.45
C TYR A 29 -1.70 0.08 -6.14
N LYS A 30 -0.90 0.82 -5.38
CA LYS A 30 0.42 0.33 -5.01
C LYS A 30 0.49 0.19 -3.48
N CYS A 31 0.46 -1.06 -3.04
CA CYS A 31 0.52 -1.35 -1.62
C CYS A 31 1.82 -2.12 -1.34
N GLU A 32 2.34 -1.91 -0.14
CA GLU A 32 3.57 -2.58 0.27
C GLU A 32 3.46 -3.07 1.71
N ILE A 33 4.08 -4.21 1.95
CA ILE A 33 4.06 -4.81 3.29
C ILE A 33 5.49 -5.05 3.75
N LEU A 34 5.78 -4.55 4.94
CA LEU A 34 7.10 -4.71 5.52
C LEU A 34 7.05 -5.70 6.67
N ALA A 35 8.21 -6.23 7.03
CA ALA A 35 8.31 -7.18 8.11
C ALA A 35 9.10 -6.58 9.26
N THR B 12 -5.03 12.58 6.22
CA THR B 12 -5.06 13.37 5.00
C THR B 12 -5.94 12.68 3.95
N ALA B 13 -7.23 12.92 4.07
CA ALA B 13 -8.18 12.33 3.13
C ALA B 13 -9.00 13.45 2.48
N LEU B 14 -8.77 13.62 1.19
CA LEU B 14 -9.47 14.65 0.44
C LEU B 14 -10.01 14.04 -0.87
N ASN B 15 -11.33 14.06 -0.99
CA ASN B 15 -11.97 13.52 -2.18
C ASN B 15 -12.68 14.65 -2.92
N THR B 16 -11.90 15.38 -3.71
CA THR B 16 -12.44 16.49 -4.48
C THR B 16 -12.11 16.31 -5.96
N DPR B 17 -13.11 16.67 -6.81
CA DPR B 17 -12.94 16.55 -8.25
CB DPR B 17 -14.03 17.43 -8.84
CG DPR B 17 -15.05 17.62 -7.74
CD DPR B 17 -14.43 17.19 -6.43
C DPR B 17 -13.03 15.09 -8.70
O DPR B 17 -14.03 14.42 -8.43
HA DPR B 17 -12.03 16.86 -8.52
HB2 DPR B 17 -14.48 16.95 -9.72
HB3 DPR B 17 -13.63 18.38 -9.19
HG2 DPR B 17 -15.95 17.04 -7.95
HG3 DPR B 17 -15.36 18.67 -7.70
HD2 DPR B 17 -15.02 16.42 -5.94
HD3 DPR B 17 -14.33 18.02 -5.74
N ALA B 18 -11.98 14.64 -9.38
CA ALA B 18 -11.93 13.28 -9.86
C ALA B 18 -10.63 12.61 -9.38
N VAL B 19 -10.08 13.19 -8.32
CA VAL B 19 -8.85 12.66 -7.76
C VAL B 19 -9.16 11.91 -6.46
N GLN B 20 -8.31 10.95 -6.14
CA GLN B 20 -8.48 10.15 -4.94
C GLN B 20 -7.16 10.04 -4.19
N LYS B 21 -7.14 10.63 -3.00
CA LYS B 21 -5.95 10.60 -2.16
C LYS B 21 -6.32 10.09 -0.77
N TRP B 22 -6.44 8.78 -0.66
CA TRP B 22 -6.78 8.16 0.61
C TRP B 22 -5.57 7.36 1.09
N HIS B 23 -5.41 7.31 2.41
CA HIS B 23 -4.31 6.60 3.01
C HIS B 23 -4.84 5.38 3.77
N PHE B 24 -4.21 4.24 3.53
CA PHE B 24 -4.61 3.02 4.19
C PHE B 24 -3.46 2.43 5.02
N VAL B 25 -3.49 2.76 6.31
CA VAL B 25 -2.47 2.28 7.22
C VAL B 25 -3.14 1.67 8.46
N LEU B 26 -3.80 0.55 8.24
CA LEU B 26 -4.48 -0.14 9.32
C LEU B 26 -3.87 -1.53 9.50
N DPR B 27 -3.92 -2.03 10.76
CA DPR B 27 -3.39 -3.34 11.08
CB DPR B 27 -4.00 -3.70 12.42
CG DPR B 27 -4.49 -2.40 13.03
CD DPR B 27 -4.48 -1.35 11.93
C DPR B 27 -1.85 -3.31 11.11
O DPR B 27 -1.26 -2.76 12.03
HA DPR B 27 -3.63 -4.00 10.37
HB2 DPR B 27 -3.26 -4.18 13.07
HB3 DPR B 27 -4.82 -4.41 12.30
HG2 DPR B 27 -3.84 -2.10 13.85
HG3 DPR B 27 -5.49 -2.53 13.44
HD2 DPR B 27 -3.89 -0.48 12.21
HD3 DPR B 27 -5.50 -0.98 11.73
N GLY B 28 -1.26 -3.92 10.09
CA GLY B 28 0.19 -3.97 9.99
C GLY B 28 0.63 -3.92 8.53
N TYR B 29 -0.23 -3.36 7.69
CA TYR B 29 0.06 -3.24 6.28
C TYR B 29 0.19 -1.77 5.86
N LYS B 30 0.92 -1.55 4.78
CA LYS B 30 1.12 -0.21 4.27
C LYS B 30 0.64 -0.14 2.81
N CYS B 31 -0.58 0.37 2.65
CA CYS B 31 -1.16 0.49 1.33
C CYS B 31 -1.51 1.96 1.10
N GLU B 32 -1.37 2.38 -0.15
CA GLU B 32 -1.66 3.75 -0.52
C GLU B 32 -2.27 3.81 -1.92
N ILE B 33 -3.39 4.52 -2.02
CA ILE B 33 -4.07 4.67 -3.29
C ILE B 33 -3.88 6.09 -3.82
N LEU B 34 -2.90 6.23 -4.70
CA LEU B 34 -2.60 7.52 -5.29
C LEU B 34 -2.61 7.40 -6.82
N ALA B 35 -3.52 8.15 -7.42
CA ALA B 35 -3.65 8.12 -8.87
C ALA B 35 -3.39 9.54 -9.42
N THR A 12 9.25 -7.46 -5.04
CA THR A 12 8.46 -8.58 -5.53
C THR A 12 7.82 -9.32 -4.36
N ALA A 13 6.60 -9.79 -4.60
CA ALA A 13 5.87 -10.52 -3.58
C ALA A 13 6.32 -11.98 -3.58
N LEU A 14 7.57 -12.18 -3.18
CA LEU A 14 8.13 -13.51 -3.13
C LEU A 14 8.71 -13.77 -1.73
N ASN A 15 9.01 -15.03 -1.47
CA ASN A 15 9.56 -15.42 -0.18
C ASN A 15 11.05 -15.70 -0.33
N THR A 16 11.85 -14.75 0.12
CA THR A 16 13.30 -14.89 0.04
C THR A 16 13.95 -14.41 1.34
N DPR A 17 14.84 -15.27 1.89
CA DPR A 17 15.54 -14.95 3.12
CB DPR A 17 16.73 -15.91 3.16
CG DPR A 17 16.39 -17.03 2.20
CD DPR A 17 15.21 -16.58 1.35
C DPR A 17 14.61 -15.09 4.32
O DPR A 17 13.48 -15.55 4.19
HA DPR A 17 15.84 -14.00 3.10
HB2 DPR A 17 16.88 -16.29 4.17
HB3 DPR A 17 17.64 -15.40 2.87
HG2 DPR A 17 16.13 -17.94 2.75
HG3 DPR A 17 17.24 -17.27 1.58
HD2 DPR A 17 14.38 -17.28 1.41
HD3 DPR A 17 15.49 -16.51 0.29
N ALA A 18 15.13 -14.70 5.48
CA ALA A 18 14.36 -14.76 6.71
C ALA A 18 13.08 -13.94 6.56
N VAL A 19 13.27 -12.65 6.28
CA VAL A 19 12.15 -11.75 6.11
C VAL A 19 11.58 -11.92 4.69
N GLN A 20 10.29 -11.64 4.58
CA GLN A 20 9.61 -11.74 3.30
C GLN A 20 9.08 -10.38 2.86
N LYS A 21 8.79 -10.28 1.56
CA LYS A 21 8.28 -9.04 1.01
C LYS A 21 6.91 -9.31 0.38
N TRP A 22 6.00 -8.36 0.61
CA TRP A 22 4.66 -8.48 0.06
C TRP A 22 4.39 -7.26 -0.81
N HIS A 23 5.02 -7.27 -1.98
CA HIS A 23 4.86 -6.17 -2.92
C HIS A 23 3.92 -6.59 -4.04
N PHE A 24 2.67 -6.18 -3.90
CA PHE A 24 1.65 -6.51 -4.90
C PHE A 24 1.07 -5.24 -5.52
N VAL A 25 1.40 -5.03 -6.79
CA VAL A 25 0.91 -3.87 -7.51
C VAL A 25 0.16 -4.32 -8.76
N LEU A 26 -1.17 -4.25 -8.68
CA LEU A 26 -2.01 -4.65 -9.80
C LEU A 26 -2.95 -3.49 -10.15
N DPR A 27 -3.08 -3.26 -11.49
CA DPR A 27 -3.94 -2.20 -11.98
CB DPR A 27 -4.18 -2.53 -13.44
CG DPR A 27 -3.07 -3.49 -13.84
CD DPR A 27 -2.42 -4.00 -12.56
C DPR A 27 -3.29 -0.83 -11.76
O DPR A 27 -2.43 -0.42 -12.55
HA DPR A 27 -4.80 -2.17 -11.45
HB2 DPR A 27 -4.15 -1.63 -14.05
HB3 DPR A 27 -5.16 -2.97 -13.59
HG2 DPR A 27 -2.34 -3.00 -14.46
HG3 DPR A 27 -3.48 -4.33 -14.41
HD2 DPR A 27 -1.35 -3.82 -12.57
HD3 DPR A 27 -2.57 -5.08 -12.44
N GLY A 28 -3.72 -0.15 -10.71
CA GLY A 28 -3.20 1.16 -10.39
C GLY A 28 -3.10 1.35 -8.87
N TYR A 29 -2.97 0.24 -8.17
CA TYR A 29 -2.86 0.28 -6.72
C TYR A 29 -1.42 0.07 -6.27
N LYS A 30 -1.14 0.51 -5.05
CA LYS A 30 0.19 0.37 -4.49
C LYS A 30 0.08 -0.11 -3.05
N CYS A 31 0.30 -1.41 -2.88
CA CYS A 31 0.23 -2.01 -1.56
C CYS A 31 1.65 -2.37 -1.12
N GLU A 32 1.97 -2.00 0.11
CA GLU A 32 3.29 -2.28 0.65
C GLU A 32 3.16 -2.86 2.06
N ILE A 33 3.44 -4.15 2.16
CA ILE A 33 3.36 -4.84 3.45
C ILE A 33 4.72 -5.49 3.75
N LEU A 34 5.51 -4.79 4.56
CA LEU A 34 6.82 -5.28 4.93
C LEU A 34 6.78 -5.76 6.38
N ALA A 35 7.12 -7.02 6.56
CA ALA A 35 7.12 -7.62 7.89
C ALA A 35 8.55 -8.09 8.22
N THR B 12 -3.33 10.89 6.60
CA THR B 12 -4.42 11.82 6.38
C THR B 12 -4.81 11.84 4.90
N ALA B 13 -6.09 12.00 4.66
CA ALA B 13 -6.61 12.03 3.30
C ALA B 13 -6.98 13.48 2.94
N LEU B 14 -6.07 14.14 2.22
CA LEU B 14 -6.29 15.50 1.81
C LEU B 14 -6.33 15.58 0.28
N ASN B 15 -7.30 16.31 -0.23
CA ASN B 15 -7.46 16.47 -1.66
C ASN B 15 -6.93 17.84 -2.08
N THR B 16 -6.05 17.80 -3.08
CA THR B 16 -5.45 19.03 -3.58
C THR B 16 -5.84 19.25 -5.04
N DPR B 17 -6.97 19.98 -5.24
CA DPR B 17 -7.44 20.27 -6.58
CB DPR B 17 -8.41 21.43 -6.41
CG DPR B 17 -8.79 21.45 -4.93
CD DPR B 17 -7.81 20.56 -4.19
C DPR B 17 -8.10 19.03 -7.20
O DPR B 17 -9.11 18.54 -6.70
HA DPR B 17 -6.69 20.50 -7.19
HB2 DPR B 17 -9.30 21.29 -7.04
HB3 DPR B 17 -7.95 22.37 -6.71
HG2 DPR B 17 -9.81 21.09 -4.80
HG3 DPR B 17 -8.75 22.46 -4.55
HD2 DPR B 17 -8.32 19.78 -3.63
HD3 DPR B 17 -7.21 21.13 -3.48
N ALA B 18 -7.49 18.56 -8.28
CA ALA B 18 -8.00 17.39 -8.97
C ALA B 18 -7.14 16.18 -8.63
N VAL B 19 -6.52 16.25 -7.46
CA VAL B 19 -5.66 15.17 -6.99
C VAL B 19 -6.25 14.56 -5.73
N GLN B 20 -6.50 13.27 -5.78
CA GLN B 20 -7.07 12.56 -4.64
C GLN B 20 -6.06 11.53 -4.11
N LYS B 21 -5.74 11.68 -2.83
CA LYS B 21 -4.80 10.78 -2.19
C LYS B 21 -5.45 10.17 -0.94
N TRP B 22 -5.56 8.85 -0.95
CA TRP B 22 -6.16 8.14 0.16
C TRP B 22 -5.09 7.22 0.76
N HIS B 23 -4.83 7.41 2.05
CA HIS B 23 -3.85 6.60 2.74
C HIS B 23 -4.54 5.78 3.84
N PHE B 24 -4.38 4.47 3.74
CA PHE B 24 -4.97 3.57 4.71
C PHE B 24 -3.90 2.71 5.38
N VAL B 25 -3.48 3.15 6.55
CA VAL B 25 -2.47 2.43 7.31
C VAL B 25 -3.13 1.70 8.47
N LEU B 26 -2.78 0.42 8.61
CA LEU B 26 -3.33 -0.40 9.67
C LEU B 26 -2.19 -1.00 10.49
N DPR B 27 -1.56 -0.14 11.33
CA DPR B 27 -0.46 -0.58 12.17
CB DPR B 27 -0.33 0.48 13.25
CG DPR B 27 -1.06 1.71 12.71
CD DPR B 27 -1.88 1.28 11.51
C DPR B 27 0.82 -0.75 11.35
O DPR B 27 1.55 0.21 11.11
HA DPR B 27 -0.65 -1.47 12.56
HB2 DPR B 27 0.71 0.71 13.45
HB3 DPR B 27 -0.78 0.15 14.18
HG2 DPR B 27 -0.34 2.48 12.41
HG3 DPR B 27 -1.69 2.14 13.48
HD2 DPR B 27 -1.64 1.86 10.63
HD3 DPR B 27 -2.96 1.41 11.70
N GLY B 28 1.05 -1.98 10.92
CA GLY B 28 2.23 -2.29 10.12
C GLY B 28 1.91 -2.26 8.63
N TYR B 29 0.68 -2.64 8.32
CA TYR B 29 0.23 -2.66 6.94
C TYR B 29 0.16 -1.25 6.35
N LYS B 30 1.04 -0.99 5.41
CA LYS B 30 1.10 0.32 4.76
C LYS B 30 0.65 0.18 3.30
N CYS B 31 -0.64 0.38 3.10
CA CYS B 31 -1.20 0.29 1.76
C CYS B 31 -1.79 1.65 1.39
N GLU B 32 -1.31 2.18 0.26
CA GLU B 32 -1.77 3.47 -0.21
C GLU B 32 -2.46 3.32 -1.57
N ILE B 33 -3.60 4.00 -1.70
CA ILE B 33 -4.37 3.95 -2.92
C ILE B 33 -4.27 5.30 -3.63
N LEU B 34 -3.90 5.24 -4.90
CA LEU B 34 -3.77 6.45 -5.71
C LEU B 34 -4.81 6.42 -6.83
N ALA B 35 -5.36 7.59 -7.11
CA ALA B 35 -6.36 7.71 -8.16
C ALA B 35 -5.84 8.66 -9.24
N THR A 12 8.36 -14.22 -6.54
CA THR A 12 7.18 -13.46 -6.12
C THR A 12 7.35 -12.95 -4.69
N ALA A 13 8.40 -12.17 -4.49
CA ALA A 13 8.69 -11.62 -3.17
C ALA A 13 9.78 -10.56 -3.30
N LEU A 14 9.93 -9.79 -2.23
CA LEU A 14 10.93 -8.73 -2.21
C LEU A 14 11.53 -8.63 -0.80
N ASN A 15 12.28 -9.66 -0.44
CA ASN A 15 12.90 -9.71 0.87
C ASN A 15 14.42 -9.51 0.71
N THR A 16 14.92 -8.49 1.40
CA THR A 16 16.34 -8.18 1.35
C THR A 16 16.90 -7.97 2.76
N DPR A 17 18.18 -8.38 2.94
CA DPR A 17 18.84 -8.24 4.23
CB DPR A 17 20.32 -8.37 3.93
CG DPR A 17 20.41 -9.05 2.57
CD DPR A 17 19.04 -8.99 1.92
C DPR A 17 18.33 -9.29 5.22
O DPR A 17 18.72 -10.45 5.16
HA DPR A 17 18.61 -7.35 4.63
HB2 DPR A 17 20.82 -8.96 4.70
HB3 DPR A 17 20.81 -7.39 3.92
HG2 DPR A 17 20.74 -10.08 2.68
HG3 DPR A 17 21.15 -8.54 1.95
HD2 DPR A 17 18.69 -9.98 1.65
HD3 DPR A 17 19.05 -8.39 1.02
N ALA A 18 17.45 -8.83 6.11
CA ALA A 18 16.89 -9.72 7.12
C ALA A 18 15.39 -9.44 7.25
N VAL A 19 14.81 -8.96 6.16
CA VAL A 19 13.39 -8.65 6.15
C VAL A 19 12.66 -9.71 5.32
N GLN A 20 11.33 -9.65 5.40
CA GLN A 20 10.50 -10.60 4.68
C GLN A 20 9.17 -9.95 4.29
N LYS A 21 9.25 -9.05 3.33
CA LYS A 21 8.06 -8.35 2.85
C LYS A 21 7.99 -8.45 1.33
N TRP A 22 6.76 -8.60 0.84
CA TRP A 22 6.54 -8.69 -0.59
C TRP A 22 5.88 -7.40 -1.07
N HIS A 23 6.05 -7.12 -2.35
CA HIS A 23 5.48 -5.92 -2.94
C HIS A 23 4.70 -6.28 -4.20
N PHE A 24 3.39 -6.16 -4.10
CA PHE A 24 2.52 -6.48 -5.22
C PHE A 24 1.75 -5.23 -5.68
N VAL A 25 1.70 -5.06 -6.99
CA VAL A 25 1.00 -3.93 -7.57
C VAL A 25 -0.12 -4.44 -8.49
N LEU A 26 -1.23 -3.72 -8.47
CA LEU A 26 -2.37 -4.09 -9.30
C LEU A 26 -2.83 -2.85 -10.09
N DPR A 27 -2.04 -2.51 -11.13
CA DPR A 27 -2.35 -1.37 -11.97
CB DPR A 27 -1.53 -1.56 -13.23
CG DPR A 27 -0.44 -2.56 -12.87
CD DPR A 27 -0.81 -3.20 -11.54
C DPR A 27 -2.04 -0.06 -11.25
O DPR A 27 -0.88 0.33 -11.12
HA DPR A 27 -3.34 -1.35 -12.16
HB2 DPR A 27 -1.11 -0.62 -13.57
HB3 DPR A 27 -2.15 -1.94 -14.05
HG2 DPR A 27 0.53 -2.04 -12.79
HG3 DPR A 27 -0.34 -3.31 -13.64
HD2 DPR A 27 -0.02 -3.07 -10.80
HD3 DPR A 27 -0.97 -4.26 -11.65
N GLY A 28 -3.10 0.59 -10.80
CA GLY A 28 -2.95 1.86 -10.09
C GLY A 28 -2.94 1.64 -8.58
N TYR A 29 -3.66 0.63 -8.14
CA TYR A 29 -3.74 0.30 -6.73
C TYR A 29 -2.54 -0.55 -6.29
N LYS A 30 -1.80 -0.01 -5.34
CA LYS A 30 -0.63 -0.70 -4.83
C LYS A 30 -0.81 -0.95 -3.33
N CYS A 31 -0.48 -2.17 -2.93
CA CYS A 31 -0.60 -2.55 -1.53
C CYS A 31 0.75 -3.13 -1.07
N GLU A 32 1.27 -2.56 0.01
CA GLU A 32 2.54 -2.99 0.55
C GLU A 32 2.40 -3.31 2.04
N ILE A 33 2.93 -4.46 2.42
CA ILE A 33 2.87 -4.89 3.81
C ILE A 33 4.28 -5.21 4.31
N LEU A 34 5.10 -4.17 4.38
CA LEU A 34 6.47 -4.33 4.83
C LEU A 34 6.60 -3.83 6.27
N ALA A 35 7.55 -4.41 6.99
CA ALA A 35 7.77 -4.02 8.38
C ALA A 35 9.28 -3.85 8.61
N THR B 12 -5.22 11.36 7.00
CA THR B 12 -5.92 12.52 6.44
C THR B 12 -6.19 12.30 4.95
N ALA B 13 -7.44 12.52 4.58
CA ALA B 13 -7.84 12.35 3.19
C ALA B 13 -8.09 13.73 2.57
N LEU B 14 -7.17 14.13 1.72
CA LEU B 14 -7.28 15.43 1.05
C LEU B 14 -7.30 15.21 -0.46
N ASN B 15 -8.19 15.93 -1.12
CA ASN B 15 -8.33 15.83 -2.55
C ASN B 15 -7.67 17.05 -3.21
N THR B 16 -6.39 16.90 -3.50
CA THR B 16 -5.64 17.98 -4.12
C THR B 16 -5.09 17.53 -5.48
N DPR B 17 -5.09 18.49 -6.45
CA DPR B 17 -4.61 18.20 -7.79
CB DPR B 17 -4.36 19.56 -8.41
CG DPR B 17 -5.15 20.57 -7.57
CD DPR B 17 -5.56 19.86 -6.28
C DPR B 17 -5.62 17.37 -8.57
O DPR B 17 -6.82 17.42 -8.30
HA DPR B 17 -3.77 17.66 -7.74
HB2 DPR B 17 -4.69 19.59 -9.45
HB3 DPR B 17 -3.29 19.81 -8.40
HG2 DPR B 17 -6.02 20.91 -8.11
HG3 DPR B 17 -4.54 21.45 -7.35
HD2 DPR B 17 -6.64 19.91 -6.14
HD3 DPR B 17 -5.10 20.34 -5.42
N ALA B 18 -5.10 16.61 -9.52
CA ALA B 18 -5.95 15.76 -10.34
C ALA B 18 -6.39 14.55 -9.52
N VAL B 19 -5.42 13.71 -9.19
CA VAL B 19 -5.69 12.51 -8.42
C VAL B 19 -5.56 12.83 -6.92
N GLN B 20 -6.10 11.93 -6.11
CA GLN B 20 -6.05 12.11 -4.67
C GLN B 20 -5.02 11.16 -4.05
N LYS B 21 -4.65 11.46 -2.82
CA LYS B 21 -3.68 10.64 -2.11
C LYS B 21 -4.22 10.28 -0.73
N TRP B 22 -4.80 9.08 -0.65
CA TRP B 22 -5.37 8.61 0.59
C TRP B 22 -4.53 7.41 1.06
N HIS B 23 -3.95 7.55 2.23
CA HIS B 23 -3.12 6.50 2.79
C HIS B 23 -3.88 5.82 3.94
N PHE B 24 -3.82 4.50 3.95
CA PHE B 24 -4.48 3.72 4.97
C PHE B 24 -3.55 2.68 5.58
N VAL B 25 -3.18 2.91 6.83
CA VAL B 25 -2.29 2.01 7.54
C VAL B 25 -2.94 1.58 8.86
N LEU B 26 -3.63 0.45 8.80
CA LEU B 26 -4.30 -0.08 9.98
C LEU B 26 -3.47 -1.24 10.54
N DPR B 27 -3.22 -1.17 11.89
CA DPR B 27 -2.45 -2.19 12.56
CB DPR B 27 -2.77 -2.01 14.04
CG DPR B 27 -3.32 -0.60 14.17
CD DPR B 27 -3.67 -0.10 12.78
C DPR B 27 -0.97 -2.06 12.24
O DPR B 27 -0.23 -1.40 12.97
HA DPR B 27 -2.72 -3.10 12.24
HB2 DPR B 27 -1.87 -2.14 14.65
HB3 DPR B 27 -3.48 -2.75 14.38
HG2 DPR B 27 -2.60 0.06 14.65
HG3 DPR B 27 -4.21 -0.60 14.81
HD2 DPR B 27 -3.16 0.84 12.57
HD3 DPR B 27 -4.74 0.08 12.68
N GLY B 28 -0.56 -2.72 11.16
CA GLY B 28 0.82 -2.69 10.73
C GLY B 28 0.94 -2.90 9.22
N TYR B 29 0.04 -2.25 8.50
CA TYR B 29 0.03 -2.36 7.06
C TYR B 29 0.25 -1.00 6.40
N LYS B 30 0.90 -1.02 5.25
CA LYS B 30 1.18 0.20 4.51
C LYS B 30 0.62 0.08 3.09
N CYS B 31 -0.68 0.35 2.97
CA CYS B 31 -1.34 0.28 1.68
C CYS B 31 -1.69 1.70 1.24
N GLU B 32 -1.30 2.00 -0.01
CA GLU B 32 -1.56 3.31 -0.56
C GLU B 32 -2.47 3.20 -1.79
N ILE B 33 -3.43 4.11 -1.86
CA ILE B 33 -4.37 4.13 -2.97
C ILE B 33 -4.25 5.46 -3.72
N LEU B 34 -3.74 5.37 -4.94
CA LEU B 34 -3.56 6.55 -5.77
C LEU B 34 -4.50 6.46 -6.98
N ALA B 35 -5.75 6.82 -6.75
CA ALA B 35 -6.75 6.79 -7.81
C ALA B 35 -7.24 8.21 -8.09
N THR A 12 5.48 -14.75 -8.55
CA THR A 12 5.16 -13.37 -8.17
C THR A 12 5.01 -13.27 -6.66
N ALA A 13 6.12 -13.50 -5.97
CA ALA A 13 6.12 -13.43 -4.52
C ALA A 13 7.56 -13.26 -4.03
N LEU A 14 7.68 -12.80 -2.79
CA LEU A 14 8.98 -12.59 -2.18
C LEU A 14 9.02 -13.23 -0.80
N ASN A 15 10.13 -13.89 -0.52
CA ASN A 15 10.29 -14.55 0.76
C ASN A 15 11.36 -13.82 1.58
N THR A 16 11.00 -13.48 2.80
CA THR A 16 11.93 -12.78 3.69
C THR A 16 12.09 -13.54 5.00
N DPR A 17 12.65 -14.77 4.87
CA DPR A 17 12.86 -15.61 6.04
CB DPR A 17 13.88 -16.66 5.59
CG DPR A 17 13.82 -16.65 4.07
CD DPR A 17 13.09 -15.40 3.64
C DPR A 17 11.55 -16.22 6.53
O DPR A 17 10.65 -16.47 5.74
HA DPR A 17 13.21 -15.07 6.80
HB2 DPR A 17 13.62 -17.65 5.99
HB3 DPR A 17 14.88 -16.42 5.95
HG2 DPR A 17 13.32 -17.54 3.70
HG3 DPR A 17 14.83 -16.66 3.66
HD2 DPR A 17 12.24 -15.64 3.00
HD3 DPR A 17 13.74 -14.73 3.06
N ALA A 18 11.49 -16.43 7.84
CA ALA A 18 10.31 -17.01 8.45
C ALA A 18 9.06 -16.41 7.80
N VAL A 19 8.85 -15.13 8.07
CA VAL A 19 7.70 -14.42 7.51
C VAL A 19 7.95 -14.12 6.04
N GLN A 20 6.88 -13.85 5.33
CA GLN A 20 6.97 -13.55 3.91
C GLN A 20 6.27 -12.22 3.60
N LYS A 21 6.59 -11.68 2.43
CA LYS A 21 6.00 -10.42 2.01
C LYS A 21 5.51 -10.55 0.57
N TRP A 22 4.45 -9.81 0.26
CA TRP A 22 3.87 -9.83 -1.07
C TRP A 22 3.81 -8.40 -1.58
N HIS A 23 4.67 -8.12 -2.55
CA HIS A 23 4.73 -6.79 -3.15
C HIS A 23 4.01 -6.79 -4.49
N PHE A 24 2.82 -6.19 -4.48
CA PHE A 24 2.01 -6.12 -5.70
C PHE A 24 1.73 -4.66 -6.08
N VAL A 25 2.69 -4.07 -6.78
CA VAL A 25 2.55 -2.69 -7.22
C VAL A 25 2.55 -2.64 -8.74
N LEU A 26 1.44 -3.03 -9.33
CA LEU A 26 1.29 -3.04 -10.77
C LEU A 26 0.05 -2.23 -11.17
N DPR A 27 0.12 -1.62 -12.38
CA DPR A 27 -0.99 -0.84 -12.88
CB DPR A 27 -0.74 -0.71 -14.38
CG DPR A 27 0.73 -1.04 -14.58
CD DPR A 27 1.24 -1.68 -13.30
C DPR A 27 -1.06 0.51 -12.17
O DPR A 27 -0.39 1.47 -12.57
HA DPR A 27 -1.86 -1.29 -12.69
HB2 DPR A 27 -0.97 0.30 -14.73
HB3 DPR A 27 -1.38 -1.40 -14.93
HG2 DPR A 27 1.29 -0.13 -14.81
HG3 DPR A 27 0.86 -1.71 -15.43
HD2 DPR A 27 2.11 -1.15 -12.92
HD3 DPR A 27 1.57 -2.71 -13.48
N GLY A 28 -1.88 0.56 -11.12
CA GLY A 28 -2.05 1.78 -10.35
C GLY A 28 -2.47 1.47 -8.91
N TYR A 29 -1.88 0.40 -8.38
CA TYR A 29 -2.20 -0.01 -7.02
C TYR A 29 -0.92 -0.23 -6.21
N LYS A 30 -0.64 0.72 -5.33
CA LYS A 30 0.54 0.65 -4.49
C LYS A 30 0.13 0.24 -3.07
N CYS A 31 0.13 -1.06 -2.85
CA CYS A 31 -0.23 -1.59 -1.54
C CYS A 31 0.82 -2.63 -1.14
N GLU A 32 1.54 -2.31 -0.07
CA GLU A 32 2.57 -3.20 0.42
C GLU A 32 2.28 -3.59 1.87
N ILE A 33 2.13 -4.89 2.09
CA ILE A 33 1.86 -5.40 3.42
C ILE A 33 2.99 -6.34 3.84
N LEU A 34 3.35 -6.24 5.12
CA LEU A 34 4.40 -7.07 5.66
C LEU A 34 3.86 -7.86 6.86
N ALA A 35 4.40 -9.06 7.02
CA ALA A 35 3.98 -9.93 8.11
C ALA A 35 5.17 -10.20 9.03
N THR B 12 -6.96 6.97 6.01
CA THR B 12 -8.17 7.73 6.30
C THR B 12 -9.27 7.40 5.30
N ALA B 13 -10.48 7.80 5.64
CA ALA B 13 -11.63 7.56 4.79
C ALA B 13 -12.12 8.90 4.22
N LEU B 14 -11.61 9.23 3.04
CA LEU B 14 -11.99 10.47 2.39
C LEU B 14 -12.59 10.15 1.01
N ASN B 15 -13.90 9.96 1.01
CA ASN B 15 -14.60 9.65 -0.24
C ASN B 15 -15.54 10.80 -0.58
N THR B 16 -14.93 11.91 -0.98
CA THR B 16 -15.71 13.09 -1.35
C THR B 16 -15.04 13.81 -2.53
N DPR B 17 -15.91 14.36 -3.42
CA DPR B 17 -15.43 15.08 -4.59
CB DPR B 17 -16.61 15.90 -5.07
CG DPR B 17 -17.84 15.27 -4.43
CD DPR B 17 -17.37 14.32 -3.34
C DPR B 17 -14.91 14.11 -5.65
O DPR B 17 -15.27 12.94 -5.65
HA DPR B 17 -14.65 15.66 -4.34
HB2 DPR B 17 -16.68 15.89 -6.15
HB3 DPR B 17 -16.51 16.94 -4.77
HG2 DPR B 17 -18.42 14.72 -5.19
HG3 DPR B 17 -18.50 16.03 -4.02
HD2 DPR B 17 -17.75 13.32 -3.49
HD3 DPR B 17 -17.72 14.65 -2.36
N ALA B 18 -14.06 14.63 -6.52
CA ALA B 18 -13.48 13.83 -7.58
C ALA B 18 -12.60 12.73 -6.97
N VAL B 19 -11.65 13.18 -6.16
CA VAL B 19 -10.74 12.25 -5.52
C VAL B 19 -11.51 11.43 -4.49
N GLN B 20 -11.18 10.15 -4.44
CA GLN B 20 -11.84 9.24 -3.50
C GLN B 20 -10.97 8.00 -3.28
N LYS B 21 -10.03 8.12 -2.35
CA LYS B 21 -9.14 7.02 -2.03
C LYS B 21 -8.95 6.95 -0.52
N TRP B 22 -8.42 5.81 -0.07
CA TRP B 22 -8.17 5.61 1.34
C TRP B 22 -6.66 5.50 1.55
N HIS B 23 -6.17 6.36 2.44
CA HIS B 23 -4.75 6.38 2.74
C HIS B 23 -4.54 6.16 4.24
N PHE B 24 -4.35 4.89 4.61
CA PHE B 24 -4.14 4.54 6.00
C PHE B 24 -2.83 3.78 6.17
N VAL B 25 -1.85 4.46 6.75
CA VAL B 25 -0.55 3.85 6.98
C VAL B 25 -0.20 3.97 8.47
N LEU B 26 -0.97 3.26 9.29
CA LEU B 26 -0.76 3.27 10.71
C LEU B 26 -0.28 1.89 11.16
N DPR B 27 0.50 1.89 12.29
CA DPR B 27 1.02 0.64 12.82
CB DPR B 27 1.44 0.97 14.24
CG DPR B 27 1.57 2.49 14.29
CD DPR B 27 0.91 3.05 13.05
C DPR B 27 2.17 0.11 11.97
O DPR B 27 3.31 0.54 12.12
HA DPR B 27 0.31 -0.07 12.80
HB2 DPR B 27 2.39 0.49 14.50
HB3 DPR B 27 0.70 0.63 14.96
HG2 DPR B 27 2.63 2.78 14.33
HG3 DPR B 27 1.10 2.88 15.19
HD2 DPR B 27 1.60 3.68 12.48
HD3 DPR B 27 0.05 3.67 13.31
N GLY B 28 1.83 -0.82 11.09
CA GLY B 28 2.82 -1.42 10.21
C GLY B 28 2.17 -1.93 8.92
N TYR B 29 1.32 -1.09 8.36
CA TYR B 29 0.63 -1.43 7.13
C TYR B 29 0.65 -0.26 6.14
N LYS B 30 1.40 -0.44 5.07
CA LYS B 30 1.50 0.58 4.05
C LYS B 30 0.68 0.17 2.82
N CYS B 31 -0.57 0.58 2.82
CA CYS B 31 -1.47 0.26 1.72
C CYS B 31 -2.05 1.57 1.18
N GLU B 32 -1.74 1.84 -0.08
CA GLU B 32 -2.22 3.05 -0.72
C GLU B 32 -2.96 2.71 -2.02
N ILE B 33 -4.28 2.71 -1.92
CA ILE B 33 -5.11 2.40 -3.08
C ILE B 33 -5.76 3.67 -3.60
N LEU B 34 -4.95 4.50 -4.24
CA LEU B 34 -5.42 5.76 -4.78
C LEU B 34 -5.40 5.70 -6.31
N ALA B 35 -6.28 6.47 -6.92
CA ALA B 35 -6.36 6.51 -8.38
C ALA B 35 -6.31 7.97 -8.85
N THR A 12 1.68 -15.18 -3.52
CA THR A 12 2.38 -15.37 -2.26
C THR A 12 3.76 -14.71 -2.32
N ALA A 13 4.39 -14.62 -1.17
CA ALA A 13 5.72 -14.02 -1.07
C ALA A 13 6.77 -15.13 -0.90
N LEU A 14 8.02 -14.75 -1.13
CA LEU A 14 9.12 -15.68 -1.00
C LEU A 14 9.83 -15.45 0.34
N ASN A 15 10.08 -16.55 1.04
CA ASN A 15 10.75 -16.48 2.32
C ASN A 15 12.19 -16.99 2.18
N THR A 16 13.09 -16.05 1.92
CA THR A 16 14.49 -16.39 1.75
C THR A 16 15.35 -15.60 2.74
N DPR A 17 16.41 -16.27 3.26
CA DPR A 17 17.31 -15.65 4.20
CB DPR A 17 18.55 -16.53 4.20
CG DPR A 17 18.13 -17.85 3.61
CD DPR A 17 16.77 -17.67 2.95
C DPR A 17 16.67 -15.54 5.59
O DPR A 17 16.81 -16.44 6.42
HA DPR A 17 17.51 -14.72 3.92
HB2 DPR A 17 18.94 -16.65 5.21
HB3 DPR A 17 19.35 -16.08 3.61
HG2 DPR A 17 18.07 -18.63 4.39
HG3 DPR A 17 18.86 -18.21 2.88
HD2 DPR A 17 16.04 -18.36 3.35
HD3 DPR A 17 16.83 -17.83 1.88
N ALA A 18 15.96 -14.44 5.78
CA ALA A 18 15.28 -14.20 7.06
C ALA A 18 14.27 -13.07 6.88
N VAL A 19 13.74 -12.96 5.67
CA VAL A 19 12.76 -11.93 5.37
C VAL A 19 11.58 -12.56 4.62
N GLN A 20 10.39 -12.07 4.93
CA GLN A 20 9.19 -12.57 4.30
C GLN A 20 8.19 -11.42 4.06
N LYS A 21 8.27 -10.86 2.88
CA LYS A 21 7.39 -9.76 2.52
C LYS A 21 6.80 -10.01 1.13
N TRP A 22 5.63 -9.43 0.90
CA TRP A 22 4.96 -9.59 -0.38
C TRP A 22 4.70 -8.19 -0.95
N HIS A 23 5.18 -7.97 -2.16
CA HIS A 23 5.00 -6.69 -2.82
C HIS A 23 4.16 -6.88 -4.09
N PHE A 24 2.89 -6.50 -3.97
CA PHE A 24 1.97 -6.62 -5.09
C PHE A 24 1.35 -5.27 -5.44
N VAL A 25 1.79 -4.73 -6.57
CA VAL A 25 1.30 -3.44 -7.03
C VAL A 25 0.48 -3.64 -8.31
N LEU A 26 -0.64 -2.95 -8.37
CA LEU A 26 -1.51 -3.04 -9.53
C LEU A 26 -1.80 -1.64 -10.06
N DPR A 27 -0.80 -1.09 -10.79
CA DPR A 27 -0.92 0.24 -11.36
CB DPR A 27 0.15 0.32 -12.43
CG DPR A 27 1.14 -0.79 -12.11
CD DPR A 27 0.49 -1.71 -11.09
C DPR A 27 -0.78 1.31 -10.28
O DPR A 27 0.33 1.75 -9.98
HA DPR A 27 -1.84 0.37 -11.75
HB2 DPR A 27 0.64 1.30 -12.43
HB3 DPR A 27 -0.27 0.19 -13.42
HG2 DPR A 27 2.06 -0.36 -11.70
HG3 DPR A 27 1.41 -1.33 -13.01
HD2 DPR A 27 1.10 -1.82 -10.20
HD3 DPR A 27 0.35 -2.71 -11.52
N GLY A 28 -1.91 1.72 -9.73
CA GLY A 28 -1.92 2.73 -8.68
C GLY A 28 -2.08 2.10 -7.30
N TYR A 29 -2.67 0.91 -7.30
CA TYR A 29 -2.88 0.19 -6.05
C TYR A 29 -1.58 -0.45 -5.55
N LYS A 30 -0.98 0.19 -4.57
CA LYS A 30 0.26 -0.31 -4.00
C LYS A 30 0.01 -0.72 -2.54
N CYS A 31 0.12 -2.03 -2.31
CA CYS A 31 -0.09 -2.57 -0.98
C CYS A 31 1.11 -3.44 -0.62
N GLU A 32 2.05 -2.83 0.09
CA GLU A 32 3.25 -3.54 0.49
C GLU A 32 3.28 -3.71 2.02
N ILE A 33 3.42 -4.96 2.44
CA ILE A 33 3.46 -5.26 3.86
C ILE A 33 4.67 -6.15 4.15
N LEU A 34 5.52 -5.67 5.04
CA LEU A 34 6.71 -6.42 5.42
C LEU A 34 6.61 -6.84 6.89
N ALA A 35 7.05 -8.06 7.15
CA ALA A 35 7.01 -8.59 8.50
C ALA A 35 8.41 -9.09 8.89
N THR B 12 -11.56 5.43 5.92
CA THR B 12 -11.87 6.83 5.80
C THR B 12 -11.53 7.35 4.40
N ALA B 13 -12.11 8.49 4.07
CA ALA B 13 -11.86 9.10 2.76
C ALA B 13 -11.40 10.54 2.96
N LEU B 14 -10.22 10.82 2.42
CA LEU B 14 -9.65 12.16 2.53
C LEU B 14 -9.71 12.84 1.16
N ASN B 15 -10.04 14.12 1.19
CA ASN B 15 -10.12 14.90 -0.04
C ASN B 15 -8.84 15.71 -0.22
N THR B 16 -8.34 15.71 -1.44
CA THR B 16 -7.12 16.43 -1.75
C THR B 16 -7.28 17.18 -3.08
N DPR B 17 -8.12 18.25 -3.04
CA DPR B 17 -8.36 19.05 -4.23
CB DPR B 17 -8.97 20.35 -3.71
CG DPR B 17 -9.47 20.04 -2.31
CD DPR B 17 -8.87 18.71 -1.87
C DPR B 17 -9.28 18.32 -5.21
O DPR B 17 -10.07 17.46 -4.81
HA DPR B 17 -7.51 19.22 -4.72
HB2 DPR B 17 -9.78 20.69 -4.34
HB3 DPR B 17 -8.23 21.15 -3.69
HG2 DPR B 17 -10.56 19.99 -2.29
HG3 DPR B 17 -9.18 20.83 -1.61
HD2 DPR B 17 -9.63 18.00 -1.59
HD3 DPR B 17 -8.21 18.84 -1.01
N ALA B 18 -9.15 18.68 -6.47
CA ALA B 18 -9.95 18.07 -7.52
C ALA B 18 -9.99 16.56 -7.30
N VAL B 19 -8.82 15.95 -7.40
CA VAL B 19 -8.71 14.51 -7.22
C VAL B 19 -8.85 14.18 -5.72
N GLN B 20 -9.14 12.91 -5.46
CA GLN B 20 -9.29 12.46 -4.09
C GLN B 20 -8.33 11.29 -3.80
N LYS B 21 -7.88 11.23 -2.57
CA LYS B 21 -6.97 10.17 -2.16
C LYS B 21 -7.42 9.61 -0.81
N TRP B 22 -7.50 8.28 -0.75
CA TRP B 22 -7.92 7.61 0.46
C TRP B 22 -6.84 6.58 0.82
N HIS B 23 -5.90 7.01 1.65
CA HIS B 23 -4.82 6.13 2.08
C HIS B 23 -5.04 5.71 3.53
N PHE B 24 -4.97 4.42 3.76
CA PHE B 24 -5.15 3.87 5.10
C PHE B 24 -3.97 3.01 5.51
N VAL B 25 -3.09 3.60 6.31
CA VAL B 25 -1.91 2.88 6.78
C VAL B 25 -2.14 2.41 8.21
N LEU B 26 -1.72 1.19 8.48
CA LEU B 26 -1.88 0.61 9.80
C LEU B 26 -0.51 0.14 10.31
N DPR B 27 0.43 1.11 10.43
CA DPR B 27 1.77 0.82 10.90
CB DPR B 27 2.36 2.16 11.30
CG DPR B 27 1.51 3.21 10.61
CD DPR B 27 0.24 2.52 10.11
C DPR B 27 2.59 0.11 9.81
O DPR B 27 3.13 0.75 8.92
HA DPR B 27 1.73 0.18 11.67
HB2 DPR B 27 3.41 2.24 10.99
HB3 DPR B 27 2.34 2.28 12.38
HG2 DPR B 27 2.05 3.66 9.78
HG3 DPR B 27 1.26 4.02 11.30
HD2 DPR B 27 0.12 2.68 9.03
HD3 DPR B 27 -0.65 2.93 10.59
N GLY B 28 2.65 -1.21 9.93
CA GLY B 28 3.39 -2.01 8.97
C GLY B 28 2.66 -2.07 7.63
N TYR B 29 1.34 -2.11 7.71
CA TYR B 29 0.52 -2.16 6.52
C TYR B 29 0.43 -0.79 5.84
N LYS B 30 1.09 -0.70 4.69
CA LYS B 30 1.09 0.55 3.94
C LYS B 30 0.30 0.36 2.64
N CYS B 31 -0.98 0.66 2.72
CA CYS B 31 -1.85 0.53 1.57
C CYS B 31 -2.33 1.92 1.16
N GLU B 32 -1.70 2.45 0.11
CA GLU B 32 -2.05 3.77 -0.38
C GLU B 32 -2.37 3.71 -1.87
N ILE B 33 -3.44 4.40 -2.25
CA ILE B 33 -3.87 4.43 -3.63
C ILE B 33 -4.17 5.87 -4.03
N LEU B 34 -3.94 6.15 -5.31
CA LEU B 34 -4.20 7.49 -5.83
C LEU B 34 -5.25 7.41 -6.94
N ALA B 35 -6.27 8.23 -6.79
CA ALA B 35 -7.35 8.27 -7.76
C ALA B 35 -7.43 9.67 -8.37
N THR A 12 9.06 -7.52 -5.38
CA THR A 12 9.64 -7.92 -4.11
C THR A 12 9.37 -9.41 -3.86
N ALA A 13 10.46 -10.17 -3.77
CA ALA A 13 10.35 -11.60 -3.53
C ALA A 13 11.50 -12.04 -2.63
N LEU A 14 11.48 -11.53 -1.41
CA LEU A 14 12.50 -11.87 -0.44
C LEU A 14 11.88 -11.92 0.96
N ASN A 15 11.01 -12.90 1.16
CA ASN A 15 10.35 -13.07 2.45
C ASN A 15 10.63 -14.46 2.98
N THR A 16 11.50 -14.52 3.98
CA THR A 16 11.87 -15.78 4.59
C THR A 16 11.89 -15.66 6.12
N DPR A 17 10.68 -15.40 6.68
CA DPR A 17 10.54 -15.25 8.12
CB DPR A 17 9.06 -15.42 8.40
CG DPR A 17 8.36 -15.19 7.07
CD DPR A 17 9.41 -15.24 5.97
C DPR A 17 11.10 -13.91 8.58
O DPR A 17 10.33 -12.95 8.79
HA DPR A 17 11.09 -15.95 8.59
HB2 DPR A 17 8.72 -14.71 9.15
HB3 DPR A 17 8.85 -16.41 8.78
HG2 DPR A 17 7.85 -14.23 7.07
HG3 DPR A 17 7.60 -15.95 6.90
HD2 DPR A 17 9.41 -14.33 5.38
HD3 DPR A 17 9.23 -16.07 5.29
N ALA A 18 12.41 -13.85 8.75
CA ALA A 18 13.07 -12.64 9.18
C ALA A 18 12.37 -11.43 8.55
N VAL A 19 12.44 -11.38 7.23
CA VAL A 19 11.82 -10.29 6.49
C VAL A 19 10.62 -10.83 5.71
N GLN A 20 9.65 -9.95 5.50
CA GLN A 20 8.44 -10.32 4.77
C GLN A 20 8.08 -9.23 3.76
N LYS A 21 8.81 -9.23 2.65
CA LYS A 21 8.58 -8.25 1.60
C LYS A 21 8.05 -8.97 0.35
N TRP A 22 6.78 -9.33 0.41
CA TRP A 22 6.15 -10.02 -0.70
C TRP A 22 4.80 -9.35 -0.97
N HIS A 23 4.88 -8.15 -1.53
CA HIS A 23 3.69 -7.39 -1.84
C HIS A 23 3.34 -7.56 -3.32
N PHE A 24 2.21 -6.99 -3.70
CA PHE A 24 1.75 -7.08 -5.08
C PHE A 24 1.28 -5.72 -5.59
N VAL A 25 1.94 -5.25 -6.63
CA VAL A 25 1.61 -3.96 -7.22
C VAL A 25 0.76 -4.19 -8.48
N LEU A 26 -0.10 -3.22 -8.76
CA LEU A 26 -0.96 -3.30 -9.93
C LEU A 26 -1.48 -1.90 -10.27
N DPR A 27 -0.61 -1.12 -10.95
CA DPR A 27 -0.97 0.23 -11.34
CB DPR A 27 0.03 0.61 -12.43
CG DPR A 27 1.18 -0.36 -12.28
CD DPR A 27 0.74 -1.49 -11.38
C DPR A 27 -0.93 1.18 -10.14
O DPR A 27 0.09 1.29 -9.46
HA DPR A 27 -1.91 0.25 -11.68
HB2 DPR A 27 0.36 1.64 -12.31
HB3 DPR A 27 -0.43 0.53 -13.41
HG2 DPR A 27 2.06 0.14 -11.85
HG3 DPR A 27 1.50 -0.75 -13.26
HD2 DPR A 27 1.40 -1.61 -10.52
HD3 DPR A 27 0.74 -2.45 -11.91
N GLY A 28 -2.06 1.85 -9.92
CA GLY A 28 -2.16 2.78 -8.81
C GLY A 28 -2.42 2.04 -7.50
N TYR A 29 -3.22 0.99 -7.59
CA TYR A 29 -3.55 0.20 -6.42
C TYR A 29 -2.38 -0.69 -6.01
N LYS A 30 -1.68 -0.25 -4.97
CA LYS A 30 -0.53 -0.99 -4.47
C LYS A 30 -0.68 -1.19 -2.96
N CYS A 31 -0.35 -2.39 -2.51
CA CYS A 31 -0.45 -2.72 -1.10
C CYS A 31 0.86 -3.41 -0.68
N GLU A 32 1.77 -2.60 -0.17
CA GLU A 32 3.06 -3.12 0.27
C GLU A 32 2.98 -3.54 1.74
N ILE A 33 3.81 -4.52 2.09
CA ILE A 33 3.85 -5.02 3.45
C ILE A 33 5.31 -5.20 3.88
N LEU A 34 5.93 -4.08 4.23
CA LEU A 34 7.31 -4.11 4.66
C LEU A 34 7.38 -3.79 6.15
N ALA A 35 8.35 -4.40 6.81
CA ALA A 35 8.53 -4.19 8.24
C ALA A 35 10.00 -3.82 8.52
N THR B 12 -11.37 9.58 7.02
CA THR B 12 -10.92 10.94 6.75
C THR B 12 -10.30 11.02 5.36
N ALA B 13 -11.16 11.23 4.37
CA ALA B 13 -10.71 11.34 2.99
C ALA B 13 -11.03 12.73 2.46
N LEU B 14 -10.14 13.23 1.61
CA LEU B 14 -10.30 14.55 1.03
C LEU B 14 -10.52 14.41 -0.48
N ASN B 15 -11.75 14.66 -0.88
CA ASN B 15 -12.10 14.58 -2.30
C ASN B 15 -12.69 15.90 -2.76
N THR B 16 -11.81 16.78 -3.24
CA THR B 16 -12.25 18.08 -3.71
C THR B 16 -11.78 18.30 -5.16
N DPR B 17 -12.70 18.89 -5.97
CA DPR B 17 -12.40 19.16 -7.37
CB DPR B 17 -13.44 20.19 -7.80
CG DPR B 17 -14.56 20.11 -6.77
CD DPR B 17 -14.04 19.32 -5.58
C DPR B 17 -12.45 17.87 -8.20
O DPR B 17 -13.41 17.64 -8.93
HA DPR B 17 -11.47 19.52 -7.46
HB2 DPR B 17 -13.81 19.97 -8.80
HB3 DPR B 17 -13.02 21.19 -7.83
HG2 DPR B 17 -15.43 19.61 -7.20
HG3 DPR B 17 -14.87 21.10 -6.47
HD2 DPR B 17 -14.68 18.47 -5.36
HD3 DPR B 17 -14.02 19.94 -4.69
N ALA B 18 -11.41 17.07 -8.04
CA ALA B 18 -11.31 15.82 -8.76
C ALA B 18 -10.06 15.07 -8.33
N VAL B 19 -9.74 15.20 -7.04
CA VAL B 19 -8.57 14.55 -6.49
C VAL B 19 -9.00 13.58 -5.38
N GLN B 20 -8.50 12.37 -5.47
CA GLN B 20 -8.82 11.35 -4.48
C GLN B 20 -7.54 10.79 -3.86
N LYS B 21 -7.27 11.25 -2.64
CA LYS B 21 -6.08 10.81 -1.93
C LYS B 21 -6.49 10.34 -0.53
N TRP B 22 -6.58 9.01 -0.40
CA TRP B 22 -6.96 8.42 0.86
C TRP B 22 -5.84 7.46 1.29
N HIS B 23 -5.30 7.71 2.47
CA HIS B 23 -4.24 6.88 3.00
C HIS B 23 -4.72 6.16 4.25
N PHE B 24 -4.61 4.83 4.20
CA PHE B 24 -5.03 4.01 5.32
C PHE B 24 -3.92 3.04 5.73
N VAL B 25 -3.48 3.19 6.97
CA VAL B 25 -2.42 2.33 7.49
C VAL B 25 -2.91 1.65 8.77
N LEU B 26 -3.48 0.47 8.60
CA LEU B 26 -3.99 -0.29 9.73
C LEU B 26 -3.11 -1.52 9.95
N DPR B 27 -2.93 -1.87 11.25
CA DPR B 27 -2.12 -3.03 11.62
CB DPR B 27 -2.53 -3.34 13.05
CG DPR B 27 -3.19 -2.10 13.58
CD DPR B 27 -3.50 -1.19 12.41
C DPR B 27 -0.63 -2.70 11.47
O DPR B 27 -0.06 -1.97 12.27
HA DPR B 27 -2.31 -3.79 11.00
HB2 DPR B 27 -1.65 -3.61 13.64
HB3 DPR B 27 -3.19 -4.20 13.08
HG2 DPR B 27 -2.54 -1.59 14.29
HG3 DPR B 27 -4.11 -2.35 14.13
HD2 DPR B 27 -3.07 -0.20 12.55
HD3 DPR B 27 -4.58 -1.04 12.30
N GLY B 28 -0.04 -3.28 10.42
CA GLY B 28 1.37 -3.07 10.16
C GLY B 28 1.66 -3.10 8.65
N TYR B 29 0.76 -2.45 7.91
CA TYR B 29 0.91 -2.40 6.46
C TYR B 29 0.76 -0.97 5.95
N LYS B 30 1.37 -0.71 4.80
CA LYS B 30 1.31 0.61 4.20
C LYS B 30 0.73 0.50 2.80
N CYS B 31 -0.53 0.89 2.68
CA CYS B 31 -1.22 0.83 1.40
C CYS B 31 -1.65 2.26 1.02
N GLU B 32 -1.29 2.65 -0.20
CA GLU B 32 -1.63 3.97 -0.69
C GLU B 32 -2.21 3.89 -2.09
N ILE B 33 -3.48 4.23 -2.21
CA ILE B 33 -4.17 4.20 -3.49
C ILE B 33 -4.38 5.64 -3.99
N LEU B 34 -3.61 5.99 -5.01
CA LEU B 34 -3.71 7.32 -5.58
C LEU B 34 -4.43 7.25 -6.93
N ALA B 35 -5.15 8.31 -7.24
CA ALA B 35 -5.89 8.37 -8.50
C ALA B 35 -5.35 9.52 -9.35
N THR A 12 5.47 -15.52 -5.70
CA THR A 12 6.28 -15.71 -4.51
C THR A 12 7.04 -14.43 -4.17
N ALA A 13 7.54 -14.39 -2.94
CA ALA A 13 8.28 -13.22 -2.48
C ALA A 13 9.78 -13.57 -2.42
N LEU A 14 10.58 -12.52 -2.28
CA LEU A 14 12.02 -12.70 -2.21
C LEU A 14 12.49 -12.51 -0.77
N ASN A 15 13.02 -13.59 -0.21
CA ASN A 15 13.51 -13.56 1.16
C ASN A 15 14.93 -13.00 1.18
N THR A 16 15.07 -11.86 1.84
CA THR A 16 16.37 -11.21 1.95
C THR A 16 16.64 -10.78 3.39
N DPR A 17 17.83 -11.17 3.90
CA DPR A 17 18.23 -10.83 5.25
CB DPR A 17 19.73 -11.04 5.30
CG DPR A 17 20.05 -11.94 4.11
CD DPR A 17 18.85 -11.96 3.19
C DPR A 17 17.47 -11.69 6.27
O DPR A 17 17.87 -12.82 6.56
HA DPR A 17 17.97 -9.88 5.46
HB2 DPR A 17 20.03 -11.52 6.23
HB3 DPR A 17 20.26 -10.10 5.23
HG2 DPR A 17 20.30 -12.94 4.44
HG3 DPR A 17 20.94 -11.56 3.58
HD2 DPR A 17 18.51 -12.98 3.01
HD3 DPR A 17 19.08 -11.52 2.22
N ALA A 18 16.38 -11.12 6.78
CA ALA A 18 15.57 -11.82 7.77
C ALA A 18 14.10 -11.67 7.40
N VAL A 19 13.58 -10.47 7.65
CA VAL A 19 12.19 -10.18 7.36
C VAL A 19 11.98 -10.20 5.84
N GLN A 20 10.90 -10.85 5.43
CA GLN A 20 10.59 -10.95 4.01
C GLN A 20 9.51 -9.92 3.64
N LYS A 21 9.54 -9.50 2.39
CA LYS A 21 8.58 -8.53 1.89
C LYS A 21 8.07 -8.96 0.52
N TRP A 22 6.76 -8.87 0.36
CA TRP A 22 6.13 -9.25 -0.89
C TRP A 22 5.39 -8.04 -1.45
N HIS A 23 5.76 -7.66 -2.66
CA HIS A 23 5.15 -6.52 -3.32
C HIS A 23 4.00 -7.00 -4.21
N PHE A 24 2.87 -6.30 -4.09
CA PHE A 24 1.69 -6.64 -4.88
C PHE A 24 1.05 -5.38 -5.47
N VAL A 25 1.42 -5.10 -6.72
CA VAL A 25 0.89 -3.94 -7.40
C VAL A 25 -0.05 -4.40 -8.52
N LEU A 26 -1.16 -3.69 -8.64
CA LEU A 26 -2.15 -4.00 -9.66
C LEU A 26 -2.70 -2.71 -10.26
N DPR A 27 -1.90 -2.11 -11.17
CA DPR A 27 -2.31 -0.87 -11.81
CB DPR A 27 -1.41 -0.74 -13.03
CG DPR A 27 -0.23 -1.66 -12.77
CD DPR A 27 -0.59 -2.58 -11.60
C DPR A 27 -2.18 0.32 -10.85
O DPR A 27 -1.08 0.63 -10.39
HA DPR A 27 -3.27 -0.90 -12.07
HB2 DPR A 27 -1.07 0.28 -13.18
HB3 DPR A 27 -1.95 -1.03 -13.94
HG2 DPR A 27 0.66 -1.09 -12.55
HG3 DPR A 27 -0.01 -2.26 -13.66
HD2 DPR A 27 0.14 -2.50 -10.80
HD3 DPR A 27 -0.64 -3.62 -11.92
N GLY A 28 -3.30 0.96 -10.58
CA GLY A 28 -3.33 2.10 -9.69
C GLY A 28 -3.00 1.68 -8.26
N TYR A 29 -3.25 0.41 -7.97
CA TYR A 29 -2.98 -0.13 -6.65
C TYR A 29 -1.49 -0.40 -6.45
N LYS A 30 -0.89 0.39 -5.58
CA LYS A 30 0.52 0.25 -5.29
C LYS A 30 0.75 0.34 -3.77
N CYS A 31 0.94 -0.81 -3.16
CA CYS A 31 1.16 -0.89 -1.73
C CYS A 31 1.94 -2.17 -1.42
N GLU A 32 2.45 -2.23 -0.20
CA GLU A 32 3.20 -3.40 0.22
C GLU A 32 3.01 -3.63 1.72
N ILE A 33 3.39 -4.83 2.15
CA ILE A 33 3.26 -5.20 3.56
C ILE A 33 4.55 -5.88 4.02
N LEU A 34 4.91 -5.61 5.26
CA LEU A 34 6.11 -6.20 5.84
C LEU A 34 5.72 -7.12 7.00
N ALA A 35 6.24 -8.34 6.95
CA ALA A 35 5.96 -9.31 7.99
C ALA A 35 7.26 -9.67 8.71
N THR B 12 -7.91 12.04 7.61
CA THR B 12 -8.08 13.01 6.55
C THR B 12 -8.38 12.30 5.22
N ALA B 13 -9.42 12.79 4.55
CA ALA B 13 -9.81 12.22 3.28
C ALA B 13 -9.82 13.32 2.21
N LEU B 14 -9.06 13.07 1.15
CA LEU B 14 -8.97 14.03 0.05
C LEU B 14 -9.61 13.42 -1.20
N ASN B 15 -10.52 14.17 -1.78
CA ASN B 15 -11.21 13.73 -2.98
C ASN B 15 -10.82 14.63 -4.15
N THR B 16 -10.47 13.99 -5.26
CA THR B 16 -10.07 14.71 -6.45
C THR B 16 -10.80 14.16 -7.68
N DPR B 17 -12.16 14.22 -7.62
CA DPR B 17 -12.97 13.74 -8.72
CB DPR B 17 -14.34 14.37 -8.49
CG DPR B 17 -14.37 14.80 -7.04
CD DPR B 17 -12.94 14.76 -6.51
C DPR B 17 -13.03 12.21 -8.74
O DPR B 17 -13.04 11.57 -7.69
HA DPR B 17 -12.58 14.01 -9.59
HB2 DPR B 17 -15.15 13.65 -8.70
HB3 DPR B 17 -14.49 15.21 -9.16
HG2 DPR B 17 -15.01 14.15 -6.46
HG3 DPR B 17 -14.78 15.81 -6.95
HD2 DPR B 17 -12.86 14.13 -5.63
HD3 DPR B 17 -12.60 15.76 -6.23
N ALA B 18 -13.03 11.66 -9.94
CA ALA B 18 -13.06 10.22 -10.11
C ALA B 18 -12.09 9.56 -9.12
N VAL B 19 -10.81 9.72 -9.42
CA VAL B 19 -9.78 9.16 -8.56
C VAL B 19 -9.76 9.90 -7.24
N GLN B 20 -9.39 9.17 -6.19
CA GLN B 20 -9.33 9.74 -4.86
C GLN B 20 -7.96 9.49 -4.23
N LYS B 21 -7.54 10.42 -3.40
CA LYS B 21 -6.25 10.32 -2.73
C LYS B 21 -6.47 10.09 -1.24
N TRP B 22 -6.88 8.88 -0.91
CA TRP B 22 -7.12 8.52 0.48
C TRP B 22 -6.10 7.46 0.89
N HIS B 23 -5.42 7.75 2.00
CA HIS B 23 -4.41 6.83 2.52
C HIS B 23 -4.99 6.02 3.66
N PHE B 24 -4.32 4.91 3.96
CA PHE B 24 -4.76 4.03 5.03
C PHE B 24 -3.58 3.27 5.63
N VAL B 25 -3.39 3.45 6.92
CA VAL B 25 -2.30 2.80 7.62
C VAL B 25 -2.84 2.14 8.89
N LEU B 26 -2.48 0.88 9.07
CA LEU B 26 -2.93 0.13 10.23
C LEU B 26 -1.73 -0.62 10.84
N DPR B 27 -1.03 0.08 11.78
CA DPR B 27 0.12 -0.50 12.43
CB DPR B 27 0.34 0.35 13.67
CG DPR B 27 -0.40 1.66 13.42
CD DPR B 27 -1.33 1.44 12.23
C DPR B 27 1.33 -0.52 11.51
O DPR B 27 1.84 0.52 11.11
HA DPR B 27 -0.06 -1.46 12.67
HB2 DPR B 27 1.41 0.54 13.83
HB3 DPR B 27 -0.04 -0.14 14.56
HG2 DPR B 27 0.30 2.47 13.21
HG3 DPR B 27 -0.97 1.94 14.29
HD2 DPR B 27 -1.14 2.17 11.44
HD3 DPR B 27 -2.38 1.54 12.51
N GLY B 28 1.76 -1.73 11.17
CA GLY B 28 2.90 -1.91 10.29
C GLY B 28 2.46 -1.92 8.82
N TYR B 29 1.18 -2.17 8.62
CA TYR B 29 0.63 -2.22 7.28
C TYR B 29 0.42 -0.81 6.72
N LYS B 30 0.99 -0.58 5.55
CA LYS B 30 0.88 0.72 4.91
C LYS B 30 0.40 0.53 3.46
N CYS B 31 -0.91 0.62 3.29
CA CYS B 31 -1.50 0.47 1.98
C CYS B 31 -2.06 1.83 1.53
N GLU B 32 -2.01 2.04 0.22
CA GLU B 32 -2.50 3.29 -0.34
C GLU B 32 -3.08 3.05 -1.73
N ILE B 33 -4.12 3.81 -2.05
CA ILE B 33 -4.77 3.69 -3.34
C ILE B 33 -4.76 5.04 -4.04
N LEU B 34 -3.69 5.28 -4.79
CA LEU B 34 -3.54 6.53 -5.51
C LEU B 34 -3.60 6.25 -7.02
N ALA B 35 -4.41 7.04 -7.70
CA ALA B 35 -4.57 6.89 -9.15
C ALA B 35 -4.61 8.28 -9.79
N THR A 12 5.97 -12.77 -7.62
CA THR A 12 5.94 -11.59 -6.78
C THR A 12 6.23 -11.96 -5.32
N ALA A 13 7.53 -12.02 -5.02
CA ALA A 13 7.96 -12.36 -3.68
C ALA A 13 9.49 -12.37 -3.63
N LEU A 14 10.02 -11.55 -2.72
CA LEU A 14 11.46 -11.47 -2.55
C LEU A 14 11.83 -11.78 -1.11
N ASN A 15 12.54 -12.89 -0.94
CA ASN A 15 12.96 -13.31 0.39
C ASN A 15 14.43 -12.91 0.60
N THR A 16 14.62 -11.65 0.95
CA THR A 16 15.95 -11.12 1.20
C THR A 16 16.14 -10.82 2.68
N DPR A 17 17.15 -11.51 3.29
CA DPR A 17 17.45 -11.33 4.70
CB DPR A 17 18.84 -11.90 4.87
CG DPR A 17 19.10 -12.79 3.68
CD DPR A 17 18.02 -12.49 2.64
C DPR A 17 16.40 -12.02 5.58
O DPR A 17 15.56 -12.75 5.08
HA DPR A 17 17.41 -10.36 4.93
HB2 DPR A 17 18.92 -12.47 5.80
HB3 DPR A 17 19.58 -11.10 4.93
HG2 DPR A 17 19.06 -13.85 3.97
HG3 DPR A 17 20.09 -12.61 3.26
HD2 DPR A 17 17.48 -13.38 2.35
HD3 DPR A 17 18.46 -12.09 1.73
N ALA A 18 16.50 -11.76 6.87
CA ALA A 18 15.57 -12.35 7.82
C ALA A 18 14.14 -12.09 7.36
N VAL A 19 13.73 -10.83 7.50
CA VAL A 19 12.38 -10.44 7.09
C VAL A 19 12.24 -10.59 5.58
N GLN A 20 11.01 -10.54 5.13
CA GLN A 20 10.72 -10.66 3.71
C GLN A 20 9.74 -9.57 3.27
N LYS A 21 9.66 -9.40 1.96
CA LYS A 21 8.77 -8.39 1.40
C LYS A 21 7.71 -9.07 0.54
N TRP A 22 6.49 -8.54 0.63
CA TRP A 22 5.38 -9.10 -0.11
C TRP A 22 4.75 -7.97 -0.93
N HIS A 23 4.86 -8.10 -2.25
CA HIS A 23 4.30 -7.10 -3.15
C HIS A 23 2.88 -7.49 -3.53
N PHE A 24 2.07 -6.48 -3.80
CA PHE A 24 0.69 -6.69 -4.19
C PHE A 24 0.08 -5.42 -4.78
N VAL A 25 0.49 -5.13 -6.01
CA VAL A 25 0.00 -3.96 -6.71
C VAL A 25 -0.88 -4.40 -7.89
N LEU A 26 -2.18 -4.32 -7.69
CA LEU A 26 -3.13 -4.70 -8.72
C LEU A 26 -4.02 -3.51 -9.07
N DPR A 27 -4.42 -3.45 -10.37
CA DPR A 27 -5.27 -2.36 -10.84
CB DPR A 27 -5.84 -2.86 -12.16
CG DPR A 27 -4.95 -4.01 -12.60
CD DPR A 27 -4.08 -4.40 -11.41
C DPR A 27 -4.46 -1.07 -11.00
O DPR A 27 -3.89 -0.80 -12.06
HA DPR A 27 -5.97 -2.16 -10.17
HB2 DPR A 27 -5.86 -2.06 -12.90
HB3 DPR A 27 -6.87 -3.19 -12.03
HG2 DPR A 27 -4.32 -3.70 -13.44
HG3 DPR A 27 -5.54 -4.85 -12.93
HD2 DPR A 27 -3.02 -4.36 -11.67
HD3 DPR A 27 -4.28 -5.43 -11.10
N GLY A 28 -4.43 -0.29 -9.92
CA GLY A 28 -3.71 0.97 -9.93
C GLY A 28 -3.38 1.41 -8.50
N TYR A 29 -3.16 0.42 -7.64
CA TYR A 29 -2.82 0.69 -6.25
C TYR A 29 -1.40 0.24 -5.93
N LYS A 30 -0.90 0.73 -4.81
CA LYS A 30 0.45 0.39 -4.38
C LYS A 30 0.42 0.02 -2.90
N CYS A 31 0.69 -1.25 -2.64
CA CYS A 31 0.70 -1.76 -1.27
C CYS A 31 2.01 -2.51 -1.05
N GLU A 32 2.72 -2.10 -0.01
CA GLU A 32 3.99 -2.72 0.32
C GLU A 32 4.11 -2.90 1.84
N ILE A 33 4.18 -4.17 2.24
CA ILE A 33 4.29 -4.50 3.65
C ILE A 33 5.70 -5.01 3.94
N LEU A 34 6.13 -4.83 5.17
CA LEU A 34 7.44 -5.28 5.59
C LEU A 34 7.31 -6.24 6.77
N ALA A 35 6.99 -7.49 6.45
CA ALA A 35 6.83 -8.50 7.47
C ALA A 35 7.98 -9.51 7.37
N THR B 12 -10.19 7.94 4.74
CA THR B 12 -11.51 7.58 4.23
C THR B 12 -11.47 7.42 2.71
N ALA B 13 -12.33 6.54 2.23
CA ALA B 13 -12.40 6.27 0.81
C ALA B 13 -13.48 7.16 0.18
N LEU B 14 -13.19 8.45 0.13
CA LEU B 14 -14.11 9.41 -0.44
C LEU B 14 -13.49 10.03 -1.69
N ASN B 15 -14.22 9.90 -2.79
CA ASN B 15 -13.77 10.44 -4.06
C ASN B 15 -13.91 11.96 -4.05
N THR B 16 -12.76 12.63 -4.13
CA THR B 16 -12.74 14.08 -4.13
C THR B 16 -12.46 14.61 -5.53
N DPR B 17 -13.56 14.94 -6.26
CA DPR B 17 -13.43 15.46 -7.61
CB DPR B 17 -14.77 16.11 -7.91
CG DPR B 17 -15.75 15.52 -6.91
CD DPR B 17 -14.94 14.83 -5.82
C DPR B 17 -13.07 14.35 -8.60
O DPR B 17 -13.76 13.33 -8.66
HA DPR B 17 -12.68 16.12 -7.66
HB2 DPR B 17 -15.09 15.90 -8.93
HB3 DPR B 17 -14.72 17.19 -7.82
HG2 DPR B 17 -16.42 14.82 -7.39
HG3 DPR B 17 -16.37 16.31 -6.47
HD2 DPR B 17 -15.24 13.78 -5.71
HD3 DPR B 17 -15.09 15.31 -4.85
N ALA B 18 -11.99 14.58 -9.34
CA ALA B 18 -11.53 13.60 -10.31
C ALA B 18 -10.65 12.57 -9.61
N VAL B 19 -9.55 13.07 -9.05
CA VAL B 19 -8.62 12.19 -8.35
C VAL B 19 -9.16 11.88 -6.95
N GLN B 20 -8.85 10.69 -6.48
CA GLN B 20 -9.30 10.26 -5.17
C GLN B 20 -8.10 9.97 -4.27
N LYS B 21 -8.36 9.93 -2.98
CA LYS B 21 -7.32 9.67 -2.00
C LYS B 21 -7.81 8.60 -1.01
N TRP B 22 -7.17 7.44 -1.08
CA TRP B 22 -7.53 6.34 -0.21
C TRP B 22 -6.26 5.86 0.49
N HIS B 23 -6.03 6.40 1.67
CA HIS B 23 -4.86 6.04 2.45
C HIS B 23 -5.27 5.15 3.62
N PHE B 24 -4.96 3.87 3.50
CA PHE B 24 -5.28 2.92 4.54
C PHE B 24 -4.03 2.27 5.11
N VAL B 25 -3.71 2.64 6.35
CA VAL B 25 -2.54 2.10 7.02
C VAL B 25 -2.96 1.47 8.35
N LEU B 26 -3.69 0.37 8.23
CA LEU B 26 -4.17 -0.35 9.40
C LEU B 26 -3.35 -1.63 9.58
N DPR B 27 -3.26 -2.08 10.86
CA DPR B 27 -2.51 -3.27 11.17
CB DPR B 27 -2.99 -3.68 12.56
CG DPR B 27 -3.64 -2.45 13.16
CD DPR B 27 -3.86 -1.44 12.04
C DPR B 27 -1.00 -3.02 11.12
O DPR B 27 -0.40 -2.58 12.10
HA DPR B 27 -2.69 -3.99 10.50
HB2 DPR B 27 -2.16 -4.03 13.18
HB3 DPR B 27 -3.70 -4.51 12.50
HG2 DPR B 27 -3.00 -2.02 13.93
HG3 DPR B 27 -4.58 -2.70 13.63
HD2 DPR B 27 -3.38 -0.49 12.25
HD3 DPR B 27 -4.92 -1.25 11.88
N GLY B 28 -0.43 -3.32 9.96
CA GLY B 28 1.00 -3.12 9.77
C GLY B 28 1.35 -3.13 8.27
N TYR B 29 0.41 -2.63 7.47
CA TYR B 29 0.61 -2.57 6.04
C TYR B 29 0.45 -1.14 5.53
N LYS B 30 1.57 -0.57 5.10
CA LYS B 30 1.57 0.79 4.59
C LYS B 30 1.27 0.76 3.08
N CYS B 31 0.01 1.00 2.77
CA CYS B 31 -0.43 1.01 1.39
C CYS B 31 -1.21 2.30 1.12
N GLU B 32 -0.87 2.93 0.01
CA GLU B 32 -1.53 4.18 -0.36
C GLU B 32 -1.76 4.23 -1.87
N ILE B 33 -2.89 4.80 -2.25
CA ILE B 33 -3.24 4.91 -3.65
C ILE B 33 -3.59 6.36 -3.97
N LEU B 34 -2.87 6.92 -4.94
CA LEU B 34 -3.10 8.30 -5.35
C LEU B 34 -3.19 8.37 -6.88
N ALA B 35 -3.99 9.31 -7.34
CA ALA B 35 -4.17 9.49 -8.78
C ALA B 35 -3.76 10.91 -9.17
N THR A 12 7.04 -13.90 -5.40
CA THR A 12 5.76 -13.38 -5.87
C THR A 12 4.72 -13.43 -4.74
N ALA A 13 5.02 -12.70 -3.67
CA ALA A 13 4.13 -12.66 -2.53
C ALA A 13 4.22 -13.98 -1.77
N LEU A 14 5.37 -14.19 -1.15
CA LEU A 14 5.59 -15.41 -0.39
C LEU A 14 5.98 -15.04 1.05
N ASN A 15 5.84 -16.02 1.93
CA ASN A 15 6.16 -15.82 3.34
C ASN A 15 7.21 -16.84 3.77
N THR A 16 8.47 -16.45 3.68
CA THR A 16 9.56 -17.33 4.06
C THR A 16 10.46 -16.64 5.10
N DPR A 17 10.94 -17.47 6.07
CA DPR A 17 11.81 -16.96 7.12
CB DPR A 17 12.47 -18.20 7.71
CG DPR A 17 11.61 -19.37 7.30
CD DPR A 17 10.67 -18.90 6.20
C DPR A 17 11.02 -16.15 8.14
O DPR A 17 9.80 -16.06 8.05
HA DPR A 17 12.48 -16.33 6.73
HB2 DPR A 17 12.53 -18.11 8.80
HB3 DPR A 17 13.49 -18.31 7.34
HG2 DPR A 17 11.03 -19.74 8.15
HG3 DPR A 17 12.22 -20.19 6.94
HD2 DPR A 17 9.63 -19.08 6.46
HD3 DPR A 17 10.86 -19.42 5.26
N ALA A 18 11.74 -15.58 9.09
CA ALA A 18 11.13 -14.79 10.14
C ALA A 18 10.49 -13.55 9.51
N VAL A 19 11.18 -12.99 8.53
CA VAL A 19 10.69 -11.80 7.85
C VAL A 19 10.09 -12.21 6.50
N GLN A 20 8.92 -11.65 6.22
CA GLN A 20 8.24 -11.94 4.97
C GLN A 20 8.12 -10.68 4.12
N LYS A 21 8.06 -10.89 2.81
CA LYS A 21 7.95 -9.79 1.88
C LYS A 21 6.68 -9.97 1.02
N TRP A 22 5.70 -9.13 1.30
CA TRP A 22 4.44 -9.18 0.58
C TRP A 22 4.29 -7.87 -0.20
N HIS A 23 4.55 -7.97 -1.50
CA HIS A 23 4.45 -6.81 -2.37
C HIS A 23 3.55 -7.13 -3.56
N PHE A 24 2.35 -6.58 -3.52
CA PHE A 24 1.39 -6.80 -4.59
C PHE A 24 0.87 -5.46 -5.14
N VAL A 25 1.62 -4.91 -6.08
CA VAL A 25 1.23 -3.65 -6.70
C VAL A 25 1.19 -3.82 -8.21
N LEU A 26 -0.02 -3.82 -8.74
CA LEU A 26 -0.21 -3.98 -10.17
C LEU A 26 -1.46 -3.19 -10.61
N DPR A 27 -1.48 -1.90 -10.20
CA DPR A 27 -2.60 -1.02 -10.54
CB DPR A 27 -2.08 0.38 -10.32
CG DPR A 27 -0.86 0.25 -9.44
CD DPR A 27 -0.45 -1.21 -9.43
C DPR A 27 -3.82 -1.36 -9.68
O DPR A 27 -3.89 -2.43 -9.08
HA DPR A 27 -2.89 -1.18 -11.49
HB2 DPR A 27 -2.84 1.01 -9.85
HB3 DPR A 27 -1.83 0.86 -11.28
HG2 DPR A 27 -1.08 0.60 -8.43
HG3 DPR A 27 -0.04 0.87 -9.82
HD2 DPR A 27 -0.41 -1.60 -8.41
HD3 DPR A 27 0.54 -1.36 -9.87
N GLY A 28 -4.75 -0.41 -9.65
CA GLY A 28 -5.97 -0.58 -8.87
C GLY A 28 -5.69 -0.43 -7.38
N TYR A 29 -4.42 -0.21 -7.07
CA TYR A 29 -4.01 -0.04 -5.68
C TYR A 29 -2.49 -0.10 -5.54
N LYS A 30 -2.02 0.28 -4.36
CA LYS A 30 -0.59 0.26 -4.10
C LYS A 30 -0.35 -0.07 -2.63
N CYS A 31 -0.16 -1.36 -2.38
CA CYS A 31 0.09 -1.83 -1.02
C CYS A 31 1.35 -2.70 -1.03
N GLU A 32 2.25 -2.39 -0.11
CA GLU A 32 3.49 -3.12 0.00
C GLU A 32 3.96 -3.16 1.45
N ILE A 33 3.88 -4.34 2.04
CA ILE A 33 4.29 -4.52 3.43
C ILE A 33 5.71 -5.09 3.46
N LEU A 34 6.51 -4.55 4.36
CA LEU A 34 7.89 -4.98 4.51
C LEU A 34 8.11 -5.46 5.94
N ALA A 35 7.46 -6.55 6.29
CA ALA A 35 7.57 -7.12 7.62
C ALA A 35 8.01 -8.59 7.51
N THR B 12 -5.38 10.07 5.49
CA THR B 12 -5.95 11.24 4.84
C THR B 12 -6.89 10.82 3.72
N ALA B 13 -8.18 11.00 3.97
CA ALA B 13 -9.20 10.63 2.99
C ALA B 13 -9.99 11.88 2.61
N LEU B 14 -9.49 12.60 1.63
CA LEU B 14 -10.15 13.81 1.16
C LEU B 14 -10.56 13.63 -0.30
N ASN B 15 -11.80 13.99 -0.58
CA ASN B 15 -12.33 13.88 -1.93
C ASN B 15 -12.70 15.28 -2.44
N THR B 16 -11.79 15.85 -3.20
CA THR B 16 -12.00 17.18 -3.76
C THR B 16 -12.12 17.09 -5.28
N DPR B 17 -13.32 16.65 -5.75
CA DPR B 17 -13.57 16.53 -7.17
CB DPR B 17 -15.08 16.45 -7.30
CG DPR B 17 -15.60 16.07 -5.92
CD DPR B 17 -14.47 16.26 -4.93
C DPR B 17 -12.85 15.30 -7.75
O DPR B 17 -13.19 14.17 -7.41
HA DPR B 17 -13.19 17.32 -7.66
HB2 DPR B 17 -15.38 15.71 -8.04
HB3 DPR B 17 -15.50 17.41 -7.61
HG2 DPR B 17 -15.93 15.03 -5.91
HG3 DPR B 17 -16.45 16.68 -5.65
HD2 DPR B 17 -14.26 15.35 -4.38
HD3 DPR B 17 -14.71 17.03 -4.20
N ALA B 18 -11.89 15.57 -8.62
CA ALA B 18 -11.13 14.51 -9.25
C ALA B 18 -9.87 14.23 -8.42
N VAL B 19 -9.95 14.58 -7.14
CA VAL B 19 -8.83 14.37 -6.23
C VAL B 19 -9.17 13.24 -5.26
N GLN B 20 -8.58 12.09 -5.52
CA GLN B 20 -8.80 10.92 -4.68
C GLN B 20 -7.53 10.55 -3.94
N LYS B 21 -7.56 10.77 -2.63
CA LYS B 21 -6.42 10.45 -1.79
C LYS B 21 -6.84 9.47 -0.69
N TRP B 22 -6.36 8.25 -0.82
CA TRP B 22 -6.67 7.21 0.15
C TRP B 22 -5.37 6.79 0.84
N HIS B 23 -5.12 7.40 1.99
CA HIS B 23 -3.92 7.10 2.75
C HIS B 23 -4.31 6.50 4.11
N PHE B 24 -4.33 5.19 4.16
CA PHE B 24 -4.68 4.50 5.40
C PHE B 24 -3.61 3.48 5.77
N VAL B 25 -3.32 3.41 7.06
CA VAL B 25 -2.32 2.49 7.57
C VAL B 25 -2.99 1.49 8.52
N LEU B 26 -2.73 0.22 8.26
CA LEU B 26 -3.30 -0.83 9.09
C LEU B 26 -2.17 -1.70 9.65
N DPR B 27 -1.54 -1.18 10.73
CA DPR B 27 -0.44 -1.89 11.38
CB DPR B 27 -0.30 -1.25 12.75
CG DPR B 27 -1.00 0.10 12.66
CD DPR B 27 -1.84 0.09 11.39
C DPR B 27 0.83 -1.80 10.54
O DPR B 27 1.44 -0.74 10.45
HA DPR B 27 -0.66 -2.87 11.44
HB2 DPR B 27 0.75 -1.12 13.02
HB3 DPR B 27 -0.75 -1.87 13.53
HG2 DPR B 27 -0.28 0.91 12.63
HG3 DPR B 27 -1.63 0.26 13.53
HD2 DPR B 27 -1.58 0.94 10.73
HD3 DPR B 27 -2.90 0.18 11.61
N GLY B 28 1.21 -2.93 9.96
CA GLY B 28 2.40 -2.99 9.14
C GLY B 28 2.05 -2.87 7.65
N TYR B 29 0.79 -3.17 7.35
CA TYR B 29 0.32 -3.10 5.98
C TYR B 29 -0.06 -1.67 5.60
N LYS B 30 0.63 -1.15 4.60
CA LYS B 30 0.38 0.21 4.14
C LYS B 30 -0.23 0.15 2.73
N CYS B 31 -1.51 0.48 2.68
CA CYS B 31 -2.24 0.47 1.42
C CYS B 31 -2.56 1.91 1.03
N GLU B 32 -1.85 2.39 0.03
CA GLU B 32 -2.05 3.76 -0.43
C GLU B 32 -2.24 3.77 -1.95
N ILE B 33 -3.43 4.19 -2.36
CA ILE B 33 -3.76 4.26 -3.77
C ILE B 33 -4.09 5.70 -4.15
N LEU B 34 -3.43 6.18 -5.19
CA LEU B 34 -3.64 7.53 -5.66
C LEU B 34 -4.28 7.49 -7.05
N ALA B 35 -5.17 8.45 -7.28
CA ALA B 35 -5.86 8.53 -8.56
C ALA B 35 -5.47 9.84 -9.25
N THR A 12 8.11 -9.61 -6.42
CA THR A 12 9.11 -9.33 -5.41
C THR A 12 8.91 -10.24 -4.20
N ALA A 13 9.35 -11.48 -4.36
CA ALA A 13 9.24 -12.47 -3.29
C ALA A 13 10.63 -12.75 -2.72
N LEU A 14 11.16 -11.77 -2.01
CA LEU A 14 12.48 -11.91 -1.42
C LEU A 14 12.33 -12.01 0.10
N ASN A 15 11.71 -13.11 0.53
CA ASN A 15 11.50 -13.34 1.95
C ASN A 15 11.99 -14.75 2.31
N THR A 16 12.76 -14.82 3.39
CA THR A 16 13.28 -16.09 3.84
C THR A 16 13.21 -16.18 5.37
N DPR A 17 11.96 -16.07 5.88
CA DPR A 17 11.74 -16.14 7.32
CB DPR A 17 10.25 -16.43 7.48
CG DPR A 17 9.62 -16.04 6.16
CD DPR A 17 10.74 -15.88 5.12
C DPR A 17 12.18 -14.85 8.00
O DPR A 17 11.36 -14.13 8.56
HA DPR A 17 12.30 -16.86 7.72
HB2 DPR A 17 9.83 -15.84 8.30
HB3 DPR A 17 10.08 -17.47 7.71
HG2 DPR A 17 9.05 -15.11 6.25
HG3 DPR A 17 8.91 -16.81 5.83
HD2 DPR A 17 10.70 -14.89 4.66
HD3 DPR A 17 10.64 -16.61 4.33
N ALA A 18 13.49 -14.59 7.94
CA ALA A 18 14.04 -13.40 8.55
C ALA A 18 13.12 -12.21 8.27
N VAL A 19 13.11 -11.80 7.01
CA VAL A 19 12.27 -10.68 6.60
C VAL A 19 11.21 -11.17 5.62
N GLN A 20 10.05 -10.53 5.69
CA GLN A 20 8.95 -10.90 4.82
C GLN A 20 8.49 -9.68 4.00
N LYS A 21 9.12 -9.53 2.84
CA LYS A 21 8.80 -8.43 1.96
C LYS A 21 8.11 -8.96 0.70
N TRP A 22 6.79 -8.87 0.71
CA TRP A 22 6.00 -9.35 -0.42
C TRP A 22 4.88 -8.34 -0.66
N HIS A 23 5.10 -7.49 -1.65
CA HIS A 23 4.12 -6.47 -2.00
C HIS A 23 3.33 -6.92 -3.22
N PHE A 24 2.19 -6.27 -3.43
CA PHE A 24 1.33 -6.60 -4.56
C PHE A 24 0.93 -5.33 -5.32
N VAL A 25 1.43 -5.24 -6.54
CA VAL A 25 1.13 -4.08 -7.38
C VAL A 25 0.08 -4.48 -8.42
N LEU A 26 -0.82 -3.55 -8.68
CA LEU A 26 -1.89 -3.78 -9.65
C LEU A 26 -2.33 -2.45 -10.24
N DPR A 27 -1.57 -1.99 -11.27
CA DPR A 27 -1.89 -0.73 -11.92
CB DPR A 27 -1.12 -0.77 -13.24
CG DPR A 27 -0.05 -1.84 -13.06
CD DPR A 27 -0.40 -2.65 -11.83
C DPR A 27 -1.49 0.46 -11.05
O DPR A 27 -0.33 0.59 -10.64
HA DPR A 27 -2.87 -0.65 -12.07
HB2 DPR A 27 -0.67 0.19 -13.46
HB3 DPR A 27 -1.79 -1.02 -14.07
HG2 DPR A 27 0.93 -1.37 -12.96
HG3 DPR A 27 -0.01 -2.49 -13.94
HD2 DPR A 27 0.43 -2.65 -11.11
HD3 DPR A 27 -0.61 -3.68 -12.07
N GLY A 28 -2.48 1.31 -10.78
CA GLY A 28 -2.25 2.47 -9.95
C GLY A 28 -2.29 2.13 -8.46
N TYR A 29 -3.04 1.08 -8.15
CA TYR A 29 -3.17 0.63 -6.78
C TYR A 29 -1.89 -0.05 -6.30
N LYS A 30 -1.23 0.60 -5.35
CA LYS A 30 0.00 0.07 -4.80
C LYS A 30 -0.18 -0.18 -3.30
N CYS A 31 0.13 -1.41 -2.91
CA CYS A 31 0.00 -1.80 -1.52
C CYS A 31 1.31 -2.48 -1.09
N GLU A 32 1.92 -1.92 -0.07
CA GLU A 32 3.16 -2.45 0.45
C GLU A 32 2.97 -2.97 1.88
N ILE A 33 3.50 -4.16 2.12
CA ILE A 33 3.41 -4.78 3.43
C ILE A 33 4.79 -5.18 3.92
N LEU A 34 5.06 -4.85 5.17
CA LEU A 34 6.36 -5.17 5.77
C LEU A 34 6.17 -6.24 6.85
N ALA A 35 7.29 -6.78 7.30
CA ALA A 35 7.26 -7.80 8.32
C ALA A 35 7.97 -7.30 9.57
N THR B 12 -7.45 9.12 6.11
CA THR B 12 -8.66 9.88 5.84
C THR B 12 -9.12 9.66 4.40
N ALA B 13 -10.41 9.85 4.19
CA ALA B 13 -11.00 9.68 2.86
C ALA B 13 -11.63 10.99 2.41
N LEU B 14 -10.83 11.80 1.75
CA LEU B 14 -11.30 13.09 1.27
C LEU B 14 -11.10 13.16 -0.25
N ASN B 15 -11.72 14.16 -0.85
CA ASN B 15 -11.62 14.35 -2.29
C ASN B 15 -10.84 15.64 -2.57
N THR B 16 -9.85 15.50 -3.44
CA THR B 16 -9.03 16.64 -3.81
C THR B 16 -9.22 16.99 -5.30
N DPR B 17 -10.37 17.67 -5.57
CA DPR B 17 -10.68 18.06 -6.94
CB DPR B 17 -11.75 19.13 -6.80
CG DPR B 17 -12.32 18.98 -5.40
CD DPR B 17 -11.38 18.08 -4.62
C DPR B 17 -11.16 16.86 -7.76
O DPR B 17 -12.11 16.17 -7.38
HA DPR B 17 -9.87 18.40 -7.39
HB2 DPR B 17 -12.53 19.02 -7.56
HB3 DPR B 17 -11.32 20.13 -6.94
HG2 DPR B 17 -13.32 18.55 -5.44
HG3 DPR B 17 -12.41 19.95 -4.91
HD2 DPR B 17 -11.91 17.22 -4.21
HD3 DPR B 17 -10.94 18.61 -3.77
N ALA B 18 -10.46 16.63 -8.86
CA ALA B 18 -10.80 15.52 -9.74
C ALA B 18 -10.33 14.21 -9.10
N VAL B 19 -9.03 14.12 -8.90
CA VAL B 19 -8.45 12.94 -8.29
C VAL B 19 -8.31 13.15 -6.78
N GLN B 20 -8.51 12.06 -6.04
CA GLN B 20 -8.40 12.12 -4.60
C GLN B 20 -7.29 11.19 -4.10
N LYS B 21 -6.95 11.34 -2.83
CA LYS B 21 -5.91 10.52 -2.23
C LYS B 21 -6.49 9.78 -1.02
N TRP B 22 -6.11 8.52 -0.91
CA TRP B 22 -6.58 7.69 0.18
C TRP B 22 -5.36 7.21 0.97
N HIS B 23 -5.51 7.17 2.29
CA HIS B 23 -4.43 6.72 3.15
C HIS B 23 -4.95 5.64 4.11
N PHE B 24 -4.51 4.42 3.86
CA PHE B 24 -4.92 3.29 4.69
C PHE B 24 -3.70 2.57 5.27
N VAL B 25 -3.31 3.00 6.46
CA VAL B 25 -2.18 2.40 7.13
C VAL B 25 -2.65 1.71 8.41
N LEU B 26 -2.38 0.41 8.47
CA LEU B 26 -2.78 -0.39 9.62
C LEU B 26 -1.52 -0.96 10.28
N DPR B 27 -0.77 -0.07 10.98
CA DPR B 27 0.45 -0.48 11.65
CB DPR B 27 0.73 0.63 12.65
CG DPR B 27 -0.06 1.83 12.17
CD DPR B 27 -1.06 1.35 11.13
C DPR B 27 1.58 -0.71 10.66
O DPR B 27 2.14 0.24 10.12
HA DPR B 27 0.30 -1.36 12.12
HB2 DPR B 27 1.81 0.85 12.69
HB3 DPR B 27 0.44 0.34 13.66
HG2 DPR B 27 0.61 2.58 11.73
HG3 DPR B 27 -0.57 2.32 13.00
HD2 DPR B 27 -0.95 1.88 10.19
HD3 DPR B 27 -2.09 1.51 11.48
N GLY B 28 1.89 -1.99 10.45
CA GLY B 28 2.95 -2.35 9.53
C GLY B 28 2.46 -2.30 8.08
N TYR B 29 1.18 -2.59 7.92
CA TYR B 29 0.58 -2.58 6.59
C TYR B 29 0.41 -1.15 6.07
N LYS B 30 1.25 -0.81 5.11
CA LYS B 30 1.20 0.53 4.52
C LYS B 30 0.84 0.41 3.04
N CYS B 31 -0.44 0.57 2.76
CA CYS B 31 -0.92 0.49 1.39
C CYS B 31 -1.57 1.83 1.02
N GLU B 32 -1.17 2.36 -0.12
CA GLU B 32 -1.70 3.63 -0.58
C GLU B 32 -2.53 3.42 -1.86
N ILE B 33 -3.65 4.14 -1.92
CA ILE B 33 -4.53 4.04 -3.06
C ILE B 33 -4.58 5.39 -3.78
N LEU B 34 -3.85 5.47 -4.88
CA LEU B 34 -3.80 6.70 -5.66
C LEU B 34 -4.33 6.42 -7.06
N ALA B 35 -5.26 7.27 -7.49
CA ALA B 35 -5.85 7.13 -8.81
C ALA B 35 -5.51 8.35 -9.66
N THR A 12 8.58 -11.20 -4.40
CA THR A 12 8.47 -12.26 -3.41
C THR A 12 7.03 -12.40 -2.94
N ALA A 13 6.66 -13.62 -2.58
CA ALA A 13 5.33 -13.91 -2.11
C ALA A 13 5.38 -14.95 -0.99
N LEU A 14 5.98 -14.53 0.12
CA LEU A 14 6.11 -15.42 1.27
C LEU A 14 5.89 -14.61 2.56
N ASN A 15 5.21 -15.25 3.49
CA ASN A 15 4.92 -14.60 4.77
C ASN A 15 5.32 -15.54 5.91
N THR A 16 6.62 -15.69 6.07
CA THR A 16 7.15 -16.56 7.12
C THR A 16 8.28 -15.85 7.87
N DPR A 17 8.39 -16.18 9.18
CA DPR A 17 9.43 -15.59 10.01
CB DPR A 17 9.51 -16.48 11.24
CG DPR A 17 8.21 -17.25 11.27
CD DPR A 17 7.53 -17.10 9.91
C DPR A 17 9.10 -14.13 10.35
O DPR A 17 7.94 -13.73 10.35
HA DPR A 17 10.30 -15.56 9.52
HB2 DPR A 17 9.63 -15.89 12.15
HB3 DPR A 17 10.37 -17.16 11.18
HG2 DPR A 17 7.56 -16.90 12.06
HG3 DPR A 17 8.40 -18.32 11.47
HD2 DPR A 17 6.53 -16.70 10.01
HD3 DPR A 17 7.45 -18.05 9.39
N ALA A 18 10.15 -13.37 10.64
CA ALA A 18 9.99 -11.96 10.99
C ALA A 18 10.37 -11.11 9.79
N VAL A 19 10.43 -11.75 8.63
CA VAL A 19 10.79 -11.05 7.40
C VAL A 19 9.65 -11.18 6.40
N GLN A 20 8.82 -10.14 6.36
CA GLN A 20 7.69 -10.13 5.45
C GLN A 20 7.92 -9.11 4.32
N LYS A 21 8.05 -9.64 3.11
CA LYS A 21 8.29 -8.81 1.94
C LYS A 21 7.27 -9.16 0.86
N TRP A 22 6.04 -8.74 1.08
CA TRP A 22 4.98 -9.01 0.12
C TRP A 22 4.66 -7.71 -0.62
N HIS A 23 5.24 -7.58 -1.80
CA HIS A 23 5.03 -6.40 -2.62
C HIS A 23 4.08 -6.72 -3.76
N PHE A 24 2.89 -6.15 -3.71
CA PHE A 24 1.88 -6.37 -4.72
C PHE A 24 1.36 -5.04 -5.28
N VAL A 25 1.28 -4.98 -6.60
CA VAL A 25 0.80 -3.79 -7.27
C VAL A 25 -0.36 -4.15 -8.20
N LEU A 26 -1.45 -3.43 -8.05
CA LEU A 26 -2.63 -3.67 -8.87
C LEU A 26 -3.12 -2.35 -9.45
N DPR A 27 -2.24 -1.71 -10.27
CA DPR A 27 -2.56 -0.45 -10.90
CB DPR A 27 -1.56 -0.30 -12.04
CG DPR A 27 -0.43 -1.25 -11.72
CD DPR A 27 -0.91 -2.19 -10.63
C DPR A 27 -2.49 0.70 -9.89
O DPR A 27 -1.43 0.95 -9.30
HA DPR A 27 -3.50 -0.45 -11.22
HB2 DPR A 27 -1.20 0.73 -12.10
HB3 DPR A 27 -2.02 -0.54 -13.00
HG2 DPR A 27 0.45 -0.70 -11.39
HG3 DPR A 27 -0.15 -1.81 -12.61
HD2 DPR A 27 -0.23 -2.17 -9.76
HD3 DPR A 27 -0.93 -3.23 -10.97
N GLY A 28 -3.62 1.37 -9.71
CA GLY A 28 -3.69 2.48 -8.78
C GLY A 28 -3.80 1.99 -7.33
N TYR A 29 -4.18 0.72 -7.21
CA TYR A 29 -4.32 0.12 -5.90
C TYR A 29 -3.15 -0.82 -5.60
N LYS A 30 -2.15 -0.28 -4.92
CA LYS A 30 -0.97 -1.05 -4.57
C LYS A 30 -0.77 -1.00 -3.06
N CYS A 31 -0.29 -2.11 -2.52
CA CYS A 31 -0.04 -2.21 -1.08
C CYS A 31 1.36 -2.76 -0.87
N GLU A 32 2.10 -2.09 0.00
CA GLU A 32 3.46 -2.50 0.30
C GLU A 32 3.64 -2.68 1.82
N ILE A 33 4.22 -3.80 2.18
CA ILE A 33 4.47 -4.10 3.58
C ILE A 33 5.90 -4.57 3.76
N LEU A 34 6.64 -3.84 4.59
CA LEU A 34 8.02 -4.17 4.86
C LEU A 34 8.24 -4.26 6.37
N ALA A 35 9.36 -4.87 6.74
CA ALA A 35 9.70 -5.01 8.15
C ALA A 35 11.02 -4.29 8.44
N THR B 12 -5.98 12.73 5.69
CA THR B 12 -6.66 13.71 4.86
C THR B 12 -7.10 13.05 3.54
N ALA B 13 -8.27 13.47 3.07
CA ALA B 13 -8.81 12.94 1.84
C ALA B 13 -8.94 14.06 0.81
N LEU B 14 -8.18 13.93 -0.27
CA LEU B 14 -8.20 14.92 -1.33
C LEU B 14 -8.77 14.29 -2.60
N ASN B 15 -10.04 14.59 -2.85
CA ASN B 15 -10.72 14.07 -4.03
C ASN B 15 -11.16 15.23 -4.91
N THR B 16 -10.22 15.70 -5.72
CA THR B 16 -10.49 16.81 -6.62
C THR B 16 -10.29 16.37 -8.07
N DPR B 17 -11.37 16.57 -8.88
CA DPR B 17 -11.32 16.20 -10.29
CB DPR B 17 -12.48 16.95 -10.93
CG DPR B 17 -13.41 17.34 -9.79
CD DPR B 17 -12.65 17.14 -8.48
C DPR B 17 -11.42 14.69 -10.46
O DPR B 17 -12.47 14.10 -10.21
HA DPR B 17 -10.44 16.47 -10.69
HB2 DPR B 17 -13.00 16.32 -11.65
HB3 DPR B 17 -12.13 17.83 -11.46
HG2 DPR B 17 -14.31 16.71 -9.80
HG3 DPR B 17 -13.73 18.38 -9.89
HD2 DPR B 17 -13.19 16.48 -7.81
HD3 DPR B 17 -12.51 18.09 -7.95
N ALA B 18 -10.31 14.10 -10.88
CA ALA B 18 -10.26 12.66 -11.10
C ALA B 18 -9.00 12.10 -10.42
N VAL B 19 -8.57 12.80 -9.38
CA VAL B 19 -7.39 12.39 -8.65
C VAL B 19 -7.81 11.88 -7.26
N GLN B 20 -7.35 10.68 -6.95
CA GLN B 20 -7.67 10.07 -5.66
C GLN B 20 -6.40 9.84 -4.85
N LYS B 21 -6.17 10.72 -3.88
CA LYS B 21 -5.00 10.62 -3.04
C LYS B 21 -5.43 10.37 -1.60
N TRP B 22 -5.63 9.10 -1.29
CA TRP B 22 -6.05 8.70 0.05
C TRP B 22 -4.95 7.83 0.65
N HIS B 23 -4.78 7.96 1.97
CA HIS B 23 -3.78 7.19 2.67
C HIS B 23 -4.43 6.41 3.82
N PHE B 24 -4.28 5.10 3.77
CA PHE B 24 -4.85 4.24 4.79
C PHE B 24 -3.80 3.28 5.35
N VAL B 25 -3.97 2.94 6.63
CA VAL B 25 -3.04 2.04 7.29
C VAL B 25 -3.82 0.86 7.88
N LEU B 26 -3.24 -0.31 7.75
CA LEU B 26 -3.87 -1.52 8.26
C LEU B 26 -2.89 -2.25 9.19
N DPR B 27 -2.51 -1.55 10.29
CA DPR B 27 -1.58 -2.11 11.25
CB DPR B 27 -1.75 -1.26 12.50
CG DPR B 27 -2.42 0.02 12.05
CD DPR B 27 -2.95 -0.19 10.64
C DPR B 27 -0.15 -2.10 10.71
O DPR B 27 0.41 -1.03 10.46
HA DPR B 27 -1.80 -3.07 11.43
HB2 DPR B 27 -0.79 -1.06 12.97
HB3 DPR B 27 -2.36 -1.77 13.25
HG2 DPR B 27 -1.71 0.85 12.06
HG3 DPR B 27 -3.23 0.30 12.72
HD2 DPR B 27 -2.56 0.54 9.95
HD3 DPR B 27 -4.04 -0.12 10.62
N GLY B 28 0.39 -3.30 10.54
CA GLY B 28 1.74 -3.44 10.03
C GLY B 28 1.77 -3.36 8.51
N TYR B 29 0.59 -3.49 7.92
CA TYR B 29 0.46 -3.43 6.47
C TYR B 29 -0.10 -2.08 6.03
N LYS B 30 0.71 -1.36 5.27
CA LYS B 30 0.31 -0.06 4.76
C LYS B 30 0.03 -0.16 3.26
N CYS B 31 -1.15 0.32 2.88
CA CYS B 31 -1.55 0.30 1.48
C CYS B 31 -1.89 1.73 1.05
N GLU B 32 -1.30 2.13 -0.07
CA GLU B 32 -1.54 3.46 -0.60
C GLU B 32 -2.37 3.39 -1.88
N ILE B 33 -3.35 4.28 -1.97
CA ILE B 33 -4.21 4.32 -3.13
C ILE B 33 -3.86 5.56 -3.98
N LEU B 34 -2.71 5.49 -4.61
CA LEU B 34 -2.25 6.60 -5.44
C LEU B 34 -2.22 6.14 -6.91
N ALA B 35 -2.91 6.91 -7.73
CA ALA B 35 -2.97 6.59 -9.16
C ALA B 35 -2.35 7.75 -9.96
N THR A 12 8.11 -9.61 -6.42
CA THR A 12 9.11 -9.33 -5.41
C THR A 12 8.91 -10.24 -4.20
N ALA A 13 9.35 -11.48 -4.36
CA ALA A 13 9.24 -12.47 -3.29
C ALA A 13 10.63 -12.75 -2.72
N LEU A 14 11.16 -11.77 -2.01
CA LEU A 14 12.48 -11.91 -1.42
C LEU A 14 12.33 -12.01 0.10
N ASN A 15 11.71 -13.11 0.53
CA ASN A 15 11.50 -13.34 1.95
C ASN A 15 11.99 -14.75 2.31
N THR A 16 12.76 -14.82 3.39
CA THR A 16 13.28 -16.09 3.84
C THR A 16 13.21 -16.18 5.37
N DPR A 17 11.96 -16.07 5.88
CA DPR A 17 11.74 -16.14 7.32
CB DPR A 17 10.25 -16.43 7.48
CG DPR A 17 9.62 -16.04 6.16
CD DPR A 17 10.74 -15.88 5.12
C DPR A 17 12.18 -14.85 8.00
O DPR A 17 11.36 -14.13 8.56
HA DPR A 17 12.30 -16.86 7.72
HB2 DPR A 17 9.83 -15.84 8.30
HB3 DPR A 17 10.08 -17.47 7.71
HG2 DPR A 17 9.05 -15.11 6.25
HG3 DPR A 17 8.91 -16.81 5.83
HD2 DPR A 17 10.70 -14.89 4.66
HD3 DPR A 17 10.64 -16.61 4.33
N ALA A 18 13.49 -14.59 7.94
CA ALA A 18 14.04 -13.40 8.55
C ALA A 18 13.12 -12.21 8.27
N VAL A 19 13.11 -11.80 7.01
CA VAL A 19 12.27 -10.68 6.60
C VAL A 19 11.21 -11.17 5.62
N GLN A 20 10.05 -10.53 5.69
CA GLN A 20 8.95 -10.90 4.82
C GLN A 20 8.49 -9.68 4.00
N LYS A 21 9.12 -9.53 2.84
CA LYS A 21 8.80 -8.43 1.96
C LYS A 21 8.11 -8.96 0.70
N TRP A 22 6.79 -8.87 0.71
CA TRP A 22 6.00 -9.35 -0.42
C TRP A 22 4.88 -8.34 -0.66
N HIS A 23 5.10 -7.49 -1.65
CA HIS A 23 4.12 -6.47 -2.00
C HIS A 23 3.33 -6.92 -3.22
N PHE A 24 2.19 -6.27 -3.43
CA PHE A 24 1.33 -6.60 -4.56
C PHE A 24 0.93 -5.33 -5.32
N VAL A 25 1.43 -5.24 -6.54
CA VAL A 25 1.13 -4.08 -7.38
C VAL A 25 0.08 -4.48 -8.42
N LEU A 26 -0.82 -3.55 -8.68
CA LEU A 26 -1.89 -3.78 -9.65
C LEU A 26 -2.33 -2.45 -10.24
N DPR A 27 -1.57 -1.99 -11.27
CA DPR A 27 -1.89 -0.73 -11.92
CB DPR A 27 -1.12 -0.77 -13.24
CG DPR A 27 -0.05 -1.84 -13.06
CD DPR A 27 -0.40 -2.65 -11.83
C DPR A 27 -1.49 0.46 -11.05
O DPR A 27 -0.33 0.59 -10.64
HA DPR A 27 -2.87 -0.65 -12.07
HB2 DPR A 27 -0.67 0.19 -13.46
HB3 DPR A 27 -1.79 -1.02 -14.07
HG2 DPR A 27 0.93 -1.37 -12.96
HG3 DPR A 27 -0.01 -2.49 -13.94
HD2 DPR A 27 0.43 -2.65 -11.11
HD3 DPR A 27 -0.61 -3.68 -12.07
N GLY A 28 -2.48 1.31 -10.78
CA GLY A 28 -2.25 2.47 -9.95
C GLY A 28 -2.29 2.13 -8.46
N TYR A 29 -3.04 1.08 -8.15
CA TYR A 29 -3.17 0.63 -6.78
C TYR A 29 -1.89 -0.05 -6.30
N LYS A 30 -1.23 0.60 -5.35
CA LYS A 30 0.00 0.07 -4.80
C LYS A 30 -0.18 -0.18 -3.30
N CYS A 31 0.13 -1.41 -2.91
CA CYS A 31 0.00 -1.80 -1.52
C CYS A 31 1.31 -2.48 -1.09
N GLU A 32 1.92 -1.92 -0.07
CA GLU A 32 3.16 -2.45 0.45
C GLU A 32 2.97 -2.97 1.88
N ILE A 33 3.50 -4.16 2.12
CA ILE A 33 3.41 -4.78 3.43
C ILE A 33 4.79 -5.18 3.92
N LEU A 34 5.06 -4.85 5.17
CA LEU A 34 6.36 -5.17 5.77
C LEU A 34 6.17 -6.24 6.85
N ALA A 35 7.29 -6.78 7.30
CA ALA A 35 7.26 -7.80 8.32
C ALA A 35 7.97 -7.30 9.57
N THR B 12 -7.45 9.12 6.11
CA THR B 12 -8.66 9.88 5.84
C THR B 12 -9.12 9.66 4.40
N ALA B 13 -10.41 9.85 4.19
CA ALA B 13 -11.00 9.68 2.86
C ALA B 13 -11.63 10.99 2.41
N LEU B 14 -10.83 11.80 1.75
CA LEU B 14 -11.30 13.09 1.27
C LEU B 14 -11.10 13.16 -0.25
N ASN B 15 -11.72 14.16 -0.85
CA ASN B 15 -11.62 14.35 -2.29
C ASN B 15 -10.84 15.64 -2.57
N THR B 16 -9.85 15.50 -3.44
CA THR B 16 -9.03 16.64 -3.81
C THR B 16 -9.22 16.99 -5.30
N DPR B 17 -10.37 17.67 -5.57
CA DPR B 17 -10.68 18.06 -6.94
CB DPR B 17 -11.75 19.13 -6.80
CG DPR B 17 -12.32 18.98 -5.40
CD DPR B 17 -11.38 18.08 -4.62
C DPR B 17 -11.16 16.86 -7.76
O DPR B 17 -12.11 16.17 -7.38
HA DPR B 17 -9.87 18.40 -7.39
HB2 DPR B 17 -12.53 19.02 -7.56
HB3 DPR B 17 -11.32 20.13 -6.94
HG2 DPR B 17 -13.32 18.55 -5.44
HG3 DPR B 17 -12.41 19.95 -4.91
HD2 DPR B 17 -11.91 17.22 -4.21
HD3 DPR B 17 -10.94 18.61 -3.77
N ALA B 18 -10.46 16.63 -8.86
CA ALA B 18 -10.80 15.52 -9.74
C ALA B 18 -10.33 14.21 -9.10
N VAL B 19 -9.03 14.12 -8.90
CA VAL B 19 -8.45 12.94 -8.29
C VAL B 19 -8.31 13.15 -6.78
N GLN B 20 -8.51 12.06 -6.04
CA GLN B 20 -8.40 12.12 -4.60
C GLN B 20 -7.29 11.19 -4.10
N LYS B 21 -6.95 11.34 -2.83
CA LYS B 21 -5.91 10.52 -2.23
C LYS B 21 -6.49 9.78 -1.02
N TRP B 22 -6.11 8.52 -0.91
CA TRP B 22 -6.58 7.69 0.18
C TRP B 22 -5.36 7.21 0.97
N HIS B 23 -5.51 7.17 2.29
CA HIS B 23 -4.43 6.72 3.15
C HIS B 23 -4.95 5.64 4.11
N PHE B 24 -4.51 4.42 3.86
CA PHE B 24 -4.92 3.29 4.69
C PHE B 24 -3.70 2.57 5.27
N VAL B 25 -3.31 3.00 6.46
CA VAL B 25 -2.18 2.40 7.13
C VAL B 25 -2.65 1.71 8.41
N LEU B 26 -2.38 0.41 8.47
CA LEU B 26 -2.78 -0.39 9.62
C LEU B 26 -1.52 -0.96 10.28
N DPR B 27 -0.77 -0.07 10.98
CA DPR B 27 0.45 -0.48 11.65
CB DPR B 27 0.73 0.63 12.65
CG DPR B 27 -0.06 1.83 12.17
CD DPR B 27 -1.06 1.35 11.13
C DPR B 27 1.58 -0.71 10.66
O DPR B 27 2.14 0.24 10.12
HA DPR B 27 0.30 -1.36 12.12
HB2 DPR B 27 1.81 0.85 12.69
HB3 DPR B 27 0.44 0.34 13.66
HG2 DPR B 27 0.61 2.58 11.73
HG3 DPR B 27 -0.57 2.32 13.00
HD2 DPR B 27 -0.95 1.88 10.19
HD3 DPR B 27 -2.09 1.51 11.48
N GLY B 28 1.89 -1.99 10.45
CA GLY B 28 2.95 -2.35 9.53
C GLY B 28 2.46 -2.30 8.08
N TYR B 29 1.18 -2.59 7.92
CA TYR B 29 0.58 -2.58 6.59
C TYR B 29 0.41 -1.15 6.07
N LYS B 30 1.25 -0.81 5.11
CA LYS B 30 1.20 0.53 4.52
C LYS B 30 0.84 0.41 3.04
N CYS B 31 -0.44 0.57 2.76
CA CYS B 31 -0.92 0.49 1.39
C CYS B 31 -1.57 1.83 1.02
N GLU B 32 -1.17 2.36 -0.12
CA GLU B 32 -1.70 3.63 -0.58
C GLU B 32 -2.53 3.42 -1.86
N ILE B 33 -3.65 4.14 -1.92
CA ILE B 33 -4.53 4.04 -3.06
C ILE B 33 -4.58 5.39 -3.78
N LEU B 34 -3.85 5.47 -4.88
CA LEU B 34 -3.80 6.70 -5.66
C LEU B 34 -4.33 6.42 -7.06
N ALA B 35 -5.26 7.27 -7.49
CA ALA B 35 -5.85 7.13 -8.81
C ALA B 35 -5.51 8.35 -9.66
#